data_6W66
#
_entry.id   6W66
#
_cell.length_a   183.665
_cell.length_b   183.665
_cell.length_c   55.370
_cell.angle_alpha   90.000
_cell.angle_beta   90.000
_cell.angle_gamma   120.000
#
_symmetry.space_group_name_H-M   'P 32 2 1'
#
loop_
_entity.id
_entity.type
_entity.pdbx_description
1 polymer 'S-phase kinase-associated protein 1'
2 polymer 'F-box/LRR-repeat protein 17'
3 polymer 'Kelch-like ECH-associated protein 1'
#
loop_
_entity_poly.entity_id
_entity_poly.type
_entity_poly.pdbx_seq_one_letter_code
_entity_poly.pdbx_strand_id
1 'polypeptide(L)'
;MPSIKLQSSDGEIFEVDVEIAKQSVTIKTMLEDLGMDDEGDDDPVPLPNVNAAILKKVIQWCTHHKDDPPPPEDDENKEK
RTDDIPVWDQEFLKVDQGTLFELILAANYLDIKGLLDVTCKTVANMIKGKTPEEIRKTFNIKNDFTEEEEAQVRKENQWC
EEK
;
A
2 'polypeptide(L)'
;GEFMCHREPPPETPDINQLPPSILLKIFSNLSLDERCLSASLVCKYWRDLCLDFQFWKQLDLSSRQQVTDELLEKIASRS
QNIIEINISDCRSMSDNGVCVLAFKCPGLLRYTAYRCKQLSDTSIIAVASHCPLLQKVHVGNQDKLTDEGLKQLGSKCRE
LKDIHFGQCYKISDEGMIVIAKGCLKLQRIYMQENKLVTDQSVKAFAEHCPELQYVGFMGCSVTSKGVIHLTKLRNLSSL
DLRHITELDNETVMEIVKRCKNLSSLNLCLNWIINDRCVEVIAKEGQNLKELYLVSCKITDYALIAIGRYSMTIETVDVG
WCKEITDQGATLIAQSSKSLRYLGLMRCDKVNEVTVEQLVQQYPHITFSTVLQDCKRTLERAYQMGWTPNMSAASS
;
B
3 'polypeptide(L)'
;GGNRTFSYTLEDHTKQAAGIMNELRLSQQLCDVTLQVKYQDAPAAQFMAHKVVLASSSPVFKAMFTNGLREQGMEVVSIE
GIHPKVMERLIEFAYTASISMGEKCVLHVMNGAVMYQIDSVVRACADFLVQQLD
;
C
#
# COMPACT_ATOMS: atom_id res chain seq x y z
N PRO A 2 -36.08 -19.76 14.16
CA PRO A 2 -35.54 -18.69 15.00
C PRO A 2 -36.30 -17.38 14.83
N SER A 3 -36.70 -16.77 15.95
CA SER A 3 -37.48 -15.53 15.90
C SER A 3 -37.40 -14.85 17.26
N ILE A 4 -37.13 -13.54 17.26
CA ILE A 4 -37.06 -12.75 18.48
C ILE A 4 -37.79 -11.44 18.24
N LYS A 5 -38.61 -11.04 19.22
CA LYS A 5 -39.45 -9.85 19.12
C LYS A 5 -38.93 -8.79 20.09
N LEU A 6 -38.37 -7.71 19.55
CA LEU A 6 -37.84 -6.61 20.33
C LEU A 6 -38.84 -5.46 20.37
N GLN A 7 -38.79 -4.68 21.45
CA GLN A 7 -39.65 -3.51 21.62
C GLN A 7 -38.78 -2.28 21.79
N SER A 8 -39.11 -1.23 21.05
CA SER A 8 -38.34 0.01 21.09
C SER A 8 -38.78 0.88 22.27
N SER A 9 -38.12 2.02 22.42
CA SER A 9 -38.42 2.92 23.54
C SER A 9 -39.71 3.70 23.33
N ASP A 10 -40.16 3.85 22.09
CA ASP A 10 -41.38 4.60 21.81
C ASP A 10 -42.62 3.72 21.69
N GLY A 11 -42.46 2.39 21.62
CA GLY A 11 -43.60 1.50 21.71
C GLY A 11 -43.84 0.61 20.51
N GLU A 12 -42.91 0.58 19.55
CA GLU A 12 -43.05 -0.26 18.37
C GLU A 12 -42.31 -1.58 18.56
N ILE A 13 -42.83 -2.62 17.93
CA ILE A 13 -42.31 -3.98 18.07
C ILE A 13 -41.78 -4.44 16.73
N PHE A 14 -40.56 -4.97 16.72
CA PHE A 14 -39.91 -5.50 15.53
C PHE A 14 -39.54 -6.95 15.79
N GLU A 15 -40.01 -7.86 14.94
CA GLU A 15 -39.70 -9.27 15.04
C GLU A 15 -38.70 -9.63 13.96
N VAL A 16 -37.53 -10.14 14.36
CA VAL A 16 -36.44 -10.43 13.45
C VAL A 16 -35.89 -11.82 13.76
N ASP A 17 -34.86 -12.20 13.00
CA ASP A 17 -34.17 -13.46 13.22
C ASP A 17 -33.25 -13.37 14.44
N VAL A 18 -33.12 -14.47 15.16
CA VAL A 18 -32.24 -14.50 16.33
C VAL A 18 -30.78 -14.45 15.89
N GLU A 19 -30.44 -15.14 14.80
CA GLU A 19 -29.06 -15.11 14.32
C GLU A 19 -28.67 -13.73 13.81
N ILE A 20 -29.65 -12.95 13.34
CA ILE A 20 -29.36 -11.57 12.94
C ILE A 20 -29.14 -10.70 14.17
N ALA A 21 -29.99 -10.86 15.19
CA ALA A 21 -29.82 -10.11 16.43
C ALA A 21 -28.57 -10.52 17.20
N LYS A 22 -28.01 -11.69 16.90
CA LYS A 22 -26.78 -12.12 17.57
C LYS A 22 -25.58 -11.27 17.19
N GLN A 23 -25.68 -10.46 16.13
CA GLN A 23 -24.61 -9.52 15.82
C GLN A 23 -24.44 -8.50 16.94
N SER A 24 -25.56 -8.08 17.53
CA SER A 24 -25.51 -7.21 18.71
C SER A 24 -25.09 -8.02 19.92
N VAL A 25 -23.92 -7.70 20.48
CA VAL A 25 -23.41 -8.45 21.63
C VAL A 25 -24.33 -8.25 22.83
N THR A 26 -24.86 -7.05 23.01
CA THR A 26 -25.77 -6.79 24.12
C THR A 26 -27.04 -7.60 23.99
N ILE A 27 -27.64 -7.61 22.79
CA ILE A 27 -28.88 -8.35 22.58
C ILE A 27 -28.68 -9.84 22.79
N LYS A 28 -27.62 -10.40 22.19
CA LYS A 28 -27.40 -11.84 22.33
C LYS A 28 -26.99 -12.21 23.75
N THR A 29 -26.31 -11.32 24.46
CA THR A 29 -25.94 -11.61 25.85
C THR A 29 -27.17 -11.63 26.75
N MET A 30 -28.02 -10.60 26.64
CA MET A 30 -29.25 -10.60 27.42
C MET A 30 -30.20 -11.70 26.98
N LEU A 31 -30.10 -12.17 25.75
CA LEU A 31 -30.91 -13.30 25.29
C LEU A 31 -30.42 -14.60 25.92
N GLU A 32 -29.11 -14.82 25.92
CA GLU A 32 -28.55 -16.02 26.53
C GLU A 32 -28.81 -16.05 28.04
N ASP A 33 -28.69 -14.91 28.70
CA ASP A 33 -28.96 -14.88 30.14
C ASP A 33 -30.44 -15.02 30.43
N LEU A 34 -31.29 -14.34 29.65
CA LEU A 34 -32.72 -14.32 29.91
C LEU A 34 -33.39 -15.59 29.39
N GLY A 35 -33.36 -15.80 28.08
CA GLY A 35 -34.10 -16.89 27.47
C GLY A 35 -33.26 -18.08 27.02
N MET A 36 -32.41 -18.59 27.91
CA MET A 36 -31.66 -19.80 27.58
C MET A 36 -32.56 -21.03 27.66
N ASP A 37 -33.45 -21.08 28.65
CA ASP A 37 -34.38 -22.19 28.79
C ASP A 37 -35.61 -21.95 27.92
N ASP A 38 -36.72 -22.61 28.24
CA ASP A 38 -37.91 -22.53 27.40
C ASP A 38 -38.47 -21.12 27.39
N GLU A 39 -38.78 -20.62 26.20
CA GLU A 39 -39.27 -19.26 26.05
C GLU A 39 -40.67 -19.12 26.66
N GLY A 40 -40.88 -18.00 27.34
CA GLY A 40 -42.17 -17.72 27.95
C GLY A 40 -43.15 -17.11 26.98
N ASP A 41 -43.69 -17.93 26.06
CA ASP A 41 -44.61 -17.48 25.03
C ASP A 41 -44.00 -16.38 24.16
N ASP A 42 -42.68 -16.40 24.01
CA ASP A 42 -41.93 -15.40 23.25
C ASP A 42 -42.24 -13.99 23.74
N ASP A 43 -41.75 -13.72 24.95
CA ASP A 43 -41.92 -12.40 25.54
C ASP A 43 -41.10 -11.36 24.77
N PRO A 44 -41.59 -10.13 24.69
CA PRO A 44 -40.83 -9.09 23.98
C PRO A 44 -39.60 -8.66 24.76
N VAL A 45 -38.59 -8.25 24.02
CA VAL A 45 -37.33 -7.78 24.58
C VAL A 45 -37.32 -6.25 24.51
N PRO A 46 -37.23 -5.54 25.63
CA PRO A 46 -37.31 -4.08 25.59
C PRO A 46 -35.95 -3.40 25.41
N LEU A 47 -35.88 -2.44 24.49
CA LEU A 47 -34.68 -1.65 24.25
C LEU A 47 -35.03 -0.19 24.55
N PRO A 48 -34.80 0.27 25.79
CA PRO A 48 -35.26 1.61 26.17
C PRO A 48 -34.38 2.75 25.68
N ASN A 49 -33.26 2.47 25.01
CA ASN A 49 -32.36 3.51 24.56
C ASN A 49 -32.35 3.69 23.04
N VAL A 50 -33.18 2.95 22.32
CA VAL A 50 -33.27 3.06 20.87
C VAL A 50 -34.75 3.19 20.50
N ASN A 51 -35.07 4.18 19.66
CA ASN A 51 -36.44 4.37 19.22
C ASN A 51 -36.77 3.44 18.07
N ALA A 52 -37.76 3.81 17.25
CA ALA A 52 -38.25 2.91 16.21
C ALA A 52 -37.45 3.05 14.91
N ALA A 53 -37.25 4.27 14.43
CA ALA A 53 -36.59 4.46 13.13
C ALA A 53 -35.13 4.04 13.19
N ILE A 54 -34.44 4.38 14.29
CA ILE A 54 -33.04 3.98 14.42
C ILE A 54 -32.92 2.47 14.55
N LEU A 55 -33.85 1.84 15.28
CA LEU A 55 -33.84 0.38 15.37
C LEU A 55 -34.10 -0.25 14.01
N LYS A 56 -34.98 0.34 13.21
CA LYS A 56 -35.24 -0.17 11.87
C LYS A 56 -34.00 -0.05 10.99
N LYS A 57 -33.31 1.09 11.06
CA LYS A 57 -32.06 1.26 10.32
C LYS A 57 -31.02 0.22 10.74
N VAL A 58 -30.89 0.00 12.05
CA VAL A 58 -29.92 -0.97 12.56
C VAL A 58 -30.28 -2.38 12.10
N ILE A 59 -31.58 -2.71 12.08
CA ILE A 59 -32.02 -4.01 11.60
C ILE A 59 -31.68 -4.18 10.13
N GLN A 60 -31.89 -3.12 9.33
CA GLN A 60 -31.52 -3.19 7.92
C GLN A 60 -30.02 -3.42 7.75
N TRP A 61 -29.21 -2.69 8.52
CA TRP A 61 -27.76 -2.84 8.41
C TRP A 61 -27.31 -4.25 8.81
N CYS A 62 -27.88 -4.78 9.90
CA CYS A 62 -27.50 -6.13 10.32
C CYS A 62 -28.01 -7.19 9.37
N THR A 63 -29.14 -6.93 8.70
CA THR A 63 -29.64 -7.87 7.71
C THR A 63 -28.72 -7.91 6.49
N HIS A 64 -28.27 -6.75 6.02
CA HIS A 64 -27.30 -6.76 4.92
C HIS A 64 -25.97 -7.36 5.34
N HIS A 65 -25.58 -7.18 6.60
CA HIS A 65 -24.31 -7.70 7.09
C HIS A 65 -24.50 -8.91 7.98
N LYS A 66 -25.08 -9.98 7.44
CA LYS A 66 -25.28 -11.22 8.18
C LYS A 66 -24.30 -12.31 7.78
N ASP A 67 -23.46 -12.07 6.78
CA ASP A 67 -22.51 -13.07 6.30
C ASP A 67 -21.06 -12.61 6.47
N ASP A 68 -20.83 -11.50 7.17
CA ASP A 68 -19.47 -10.98 7.31
C ASP A 68 -18.67 -11.85 8.28
N PRO A 69 -17.46 -12.27 7.91
CA PRO A 69 -16.64 -13.06 8.82
C PRO A 69 -15.75 -12.17 9.67
N PRO A 70 -15.94 -12.18 10.99
CA PRO A 70 -15.09 -11.38 11.87
C PRO A 70 -13.85 -12.15 12.28
N PRO A 71 -12.65 -11.63 11.96
CA PRO A 71 -11.39 -12.28 12.33
C PRO A 71 -10.98 -12.01 13.78
N ASN A 77 -9.42 -6.83 15.14
CA ASN A 77 -9.58 -6.10 16.39
C ASN A 77 -8.64 -4.90 16.51
N LYS A 78 -7.40 -5.08 16.04
CA LYS A 78 -6.34 -4.08 16.17
C LYS A 78 -5.50 -4.07 14.90
N GLU A 79 -6.05 -3.54 13.82
CA GLU A 79 -5.40 -3.48 12.53
C GLU A 79 -5.25 -2.03 12.07
N LYS A 80 -4.64 -1.86 10.90
CA LYS A 80 -4.39 -0.53 10.37
C LYS A 80 -5.69 0.11 9.89
N ARG A 81 -5.69 1.44 9.81
CA ARG A 81 -6.86 2.21 9.43
C ARG A 81 -6.76 2.60 7.96
N THR A 82 -7.87 2.44 7.23
CA THR A 82 -7.90 2.72 5.80
C THR A 82 -9.21 3.45 5.52
N ASP A 83 -9.63 3.42 4.25
CA ASP A 83 -10.86 4.08 3.81
C ASP A 83 -11.78 3.09 3.09
N ASP A 84 -11.74 1.83 3.50
CA ASP A 84 -12.52 0.77 2.86
C ASP A 84 -13.98 1.15 2.74
N ILE A 85 -14.67 1.24 3.88
CA ILE A 85 -16.10 1.58 4.02
C ILE A 85 -16.90 1.11 2.82
N PRO A 86 -17.43 -0.12 2.85
CA PRO A 86 -18.10 -0.67 1.67
C PRO A 86 -19.24 0.22 1.18
N VAL A 87 -19.52 0.12 -0.12
CA VAL A 87 -20.42 1.05 -0.80
C VAL A 87 -21.80 1.04 -0.16
N TRP A 88 -22.33 -0.15 0.15
CA TRP A 88 -23.66 -0.21 0.73
C TRP A 88 -23.70 0.50 2.07
N ASP A 89 -22.62 0.41 2.85
CA ASP A 89 -22.57 1.13 4.11
C ASP A 89 -22.63 2.64 3.89
N GLN A 90 -21.95 3.12 2.84
CA GLN A 90 -22.01 4.54 2.52
C GLN A 90 -23.43 4.96 2.12
N GLU A 91 -24.05 4.18 1.21
CA GLU A 91 -25.40 4.50 0.78
C GLU A 91 -26.38 4.47 1.95
N PHE A 92 -26.16 3.57 2.91
CA PHE A 92 -27.02 3.50 4.08
C PHE A 92 -26.76 4.66 5.04
N LEU A 93 -25.52 5.15 5.10
CA LEU A 93 -25.15 6.25 5.97
C LEU A 93 -25.35 7.61 5.32
N LYS A 94 -26.07 7.67 4.19
CA LYS A 94 -26.40 8.96 3.57
C LYS A 94 -27.67 9.51 4.24
N VAL A 95 -27.50 9.91 5.50
CA VAL A 95 -28.57 10.47 6.31
C VAL A 95 -28.10 11.79 6.89
N ASP A 96 -28.98 12.44 7.65
CA ASP A 96 -28.64 13.70 8.30
C ASP A 96 -27.78 13.44 9.53
N GLN A 97 -27.35 14.53 10.18
CA GLN A 97 -26.44 14.39 11.32
C GLN A 97 -27.13 13.76 12.51
N GLY A 98 -28.41 14.09 12.74
CA GLY A 98 -29.11 13.51 13.87
C GLY A 98 -29.23 12.00 13.76
N THR A 99 -29.60 11.51 12.58
CA THR A 99 -29.70 10.07 12.37
C THR A 99 -28.35 9.39 12.51
N LEU A 100 -27.28 10.03 12.03
CA LEU A 100 -25.95 9.44 12.16
C LEU A 100 -25.51 9.36 13.62
N PHE A 101 -25.77 10.41 14.39
CA PHE A 101 -25.41 10.38 15.81
C PHE A 101 -26.25 9.35 16.56
N GLU A 102 -27.53 9.22 16.21
CA GLU A 102 -28.36 8.20 16.85
C GLU A 102 -27.89 6.79 16.48
N LEU A 103 -27.44 6.60 15.23
CA LEU A 103 -26.89 5.30 14.85
C LEU A 103 -25.59 5.01 15.61
N ILE A 104 -24.76 6.04 15.81
CA ILE A 104 -23.56 5.87 16.63
C ILE A 104 -23.94 5.45 18.05
N LEU A 105 -24.94 6.12 18.63
CA LEU A 105 -25.35 5.80 19.98
C LEU A 105 -25.91 4.38 20.07
N ALA A 106 -26.65 3.95 19.04
CA ALA A 106 -27.20 2.60 19.04
C ALA A 106 -26.10 1.56 18.88
N ALA A 107 -25.15 1.80 17.97
CA ALA A 107 -24.06 0.85 17.77
C ALA A 107 -23.17 0.73 18.99
N ASN A 108 -23.02 1.82 19.75
CA ASN A 108 -22.32 1.70 21.03
C ASN A 108 -23.18 1.01 22.08
N TYR A 109 -24.50 1.22 22.04
CA TYR A 109 -25.37 0.61 23.03
C TYR A 109 -25.59 -0.87 22.74
N LEU A 110 -25.94 -1.20 21.51
CA LEU A 110 -26.14 -2.59 21.10
C LEU A 110 -24.82 -3.34 20.92
N ASP A 111 -23.69 -2.66 21.05
CA ASP A 111 -22.36 -3.27 20.91
C ASP A 111 -22.22 -3.96 19.55
N ILE A 112 -22.38 -3.16 18.49
CA ILE A 112 -22.23 -3.62 17.12
C ILE A 112 -20.93 -3.01 16.60
N LYS A 113 -19.85 -3.78 16.66
CA LYS A 113 -18.52 -3.23 16.38
C LYS A 113 -18.39 -2.79 14.92
N GLY A 114 -19.00 -3.53 13.99
CA GLY A 114 -18.90 -3.15 12.60
C GLY A 114 -19.59 -1.84 12.29
N LEU A 115 -20.83 -1.69 12.76
CA LEU A 115 -21.56 -0.45 12.56
C LEU A 115 -20.85 0.71 13.26
N LEU A 116 -20.33 0.47 14.47
CA LEU A 116 -19.57 1.49 15.17
C LEU A 116 -18.36 1.94 14.36
N ASP A 117 -17.60 0.97 13.82
CA ASP A 117 -16.43 1.31 13.02
C ASP A 117 -16.82 2.13 11.80
N VAL A 118 -17.86 1.69 11.08
CA VAL A 118 -18.23 2.39 9.85
C VAL A 118 -18.70 3.81 10.14
N THR A 119 -19.54 3.97 11.16
CA THR A 119 -20.04 5.31 11.48
C THR A 119 -18.94 6.22 12.01
N CYS A 120 -18.04 5.69 12.84
CA CYS A 120 -16.92 6.49 13.31
C CYS A 120 -16.01 6.91 12.16
N LYS A 121 -15.80 6.01 11.19
CA LYS A 121 -15.00 6.37 10.04
C LYS A 121 -15.69 7.44 9.20
N THR A 122 -17.02 7.36 9.08
CA THR A 122 -17.75 8.40 8.37
C THR A 122 -17.59 9.76 9.06
N VAL A 123 -17.70 9.79 10.39
CA VAL A 123 -17.54 11.05 11.12
C VAL A 123 -16.11 11.57 10.97
N ALA A 124 -15.12 10.66 11.02
CA ALA A 124 -13.74 11.09 10.89
C ALA A 124 -13.45 11.63 9.49
N ASN A 125 -14.05 11.03 8.47
CA ASN A 125 -13.93 11.58 7.12
C ASN A 125 -14.60 12.94 7.03
N MET A 126 -15.70 13.13 7.75
CA MET A 126 -16.32 14.44 7.83
C MET A 126 -15.39 15.46 8.50
N ILE A 127 -14.58 15.01 9.46
CA ILE A 127 -13.62 15.90 10.09
C ILE A 127 -12.41 16.15 9.18
N LYS A 128 -12.00 15.14 8.41
CA LYS A 128 -10.78 15.23 7.62
C LYS A 128 -10.85 16.38 6.64
N GLY A 129 -9.69 16.99 6.39
CA GLY A 129 -9.55 18.06 5.42
C GLY A 129 -10.36 19.31 5.70
N LYS A 130 -10.47 19.71 6.97
CA LYS A 130 -11.21 20.90 7.34
C LYS A 130 -10.49 21.64 8.45
N THR A 131 -10.41 22.96 8.30
CA THR A 131 -9.86 23.81 9.36
C THR A 131 -10.82 23.86 10.54
N PRO A 132 -10.33 24.19 11.73
CA PRO A 132 -11.24 24.28 12.89
C PRO A 132 -12.43 25.21 12.67
N GLU A 133 -12.23 26.31 11.93
CA GLU A 133 -13.34 27.20 11.64
C GLU A 133 -14.41 26.52 10.79
N GLU A 134 -14.00 25.58 9.93
CA GLU A 134 -14.96 24.84 9.11
C GLU A 134 -15.61 23.72 9.92
N ILE A 135 -14.83 23.06 10.78
CA ILE A 135 -15.36 21.98 11.61
C ILE A 135 -16.41 22.51 12.58
N ARG A 136 -16.15 23.67 13.18
CA ARG A 136 -17.11 24.25 14.10
C ARG A 136 -18.42 24.60 13.41
N LYS A 137 -18.36 25.01 12.14
CA LYS A 137 -19.60 25.31 11.42
C LYS A 137 -20.32 24.03 11.00
N THR A 138 -19.58 23.01 10.56
CA THR A 138 -20.21 21.78 10.12
C THR A 138 -20.75 20.96 11.29
N PHE A 139 -20.29 21.21 12.51
CA PHE A 139 -20.74 20.45 13.67
C PHE A 139 -21.42 21.29 14.73
N ASN A 140 -21.54 22.61 14.54
CA ASN A 140 -22.16 23.52 15.49
C ASN A 140 -21.49 23.42 16.87
N ILE A 141 -20.28 23.95 16.92
CA ILE A 141 -19.46 23.94 18.13
C ILE A 141 -18.90 25.33 18.33
N LYS A 142 -19.21 25.94 19.47
CA LYS A 142 -18.75 27.30 19.76
C LYS A 142 -17.27 27.29 20.11
N ASN A 143 -16.53 28.25 19.55
CA ASN A 143 -15.09 28.37 19.80
C ASN A 143 -14.87 28.99 21.17
N ASP A 144 -14.68 28.13 22.18
CA ASP A 144 -14.41 28.60 23.54
C ASP A 144 -12.93 28.93 23.76
N PHE A 145 -12.13 28.97 22.69
CA PHE A 145 -10.72 29.33 22.80
C PHE A 145 -10.56 30.84 22.73
N THR A 146 -9.89 31.42 23.72
CA THR A 146 -9.42 32.78 23.59
C THR A 146 -8.25 32.81 22.61
N GLU A 147 -7.95 34.02 22.10
CA GLU A 147 -6.84 34.15 21.17
C GLU A 147 -5.50 33.79 21.81
N GLU A 148 -5.43 33.77 23.14
CA GLU A 148 -4.22 33.35 23.82
C GLU A 148 -4.09 31.82 23.82
N GLU A 149 -5.11 31.13 24.33
CA GLU A 149 -5.09 29.66 24.34
C GLU A 149 -5.05 29.09 22.93
N GLU A 150 -5.80 29.71 22.01
CA GLU A 150 -5.76 29.32 20.61
C GLU A 150 -4.35 29.44 20.03
N ALA A 151 -3.51 30.29 20.60
CA ALA A 151 -2.12 30.39 20.21
C ALA A 151 -1.24 29.39 20.95
N GLN A 152 -1.52 29.13 22.23
CA GLN A 152 -0.71 28.21 23.01
C GLN A 152 -0.83 26.78 22.49
N VAL A 153 -2.04 26.37 22.13
CA VAL A 153 -2.26 24.99 21.67
C VAL A 153 -1.48 24.74 20.39
N ARG A 154 -1.55 25.67 19.43
CA ARG A 154 -0.78 25.51 18.20
C ARG A 154 0.70 25.75 18.42
N LYS A 155 1.09 26.45 19.49
CA LYS A 155 2.49 26.57 19.84
C LYS A 155 3.05 25.23 20.29
N GLU A 156 2.31 24.50 21.13
CA GLU A 156 2.78 23.22 21.63
C GLU A 156 2.80 22.14 20.56
N ASN A 157 2.18 22.36 19.41
CA ASN A 157 2.12 21.37 18.33
C ASN A 157 2.74 21.93 17.05
N GLN A 158 3.89 22.60 17.18
CA GLN A 158 4.58 23.17 16.03
C GLN A 158 5.33 22.12 15.21
N TRP A 159 5.51 20.91 15.74
CA TRP A 159 6.32 19.88 15.10
C TRP A 159 5.52 18.98 14.17
N CYS A 160 4.60 19.54 13.39
CA CYS A 160 3.80 18.74 12.47
C CYS A 160 3.80 19.34 11.07
N PRO B 14 -28.51 18.50 16.31
CA PRO B 14 -27.27 17.73 16.19
C PRO B 14 -26.14 18.30 17.04
N ASP B 15 -25.50 17.45 17.84
CA ASP B 15 -24.44 17.88 18.73
C ASP B 15 -23.46 16.72 18.89
N ILE B 16 -22.21 16.93 18.47
CA ILE B 16 -21.21 15.88 18.57
C ILE B 16 -20.82 15.63 20.02
N ASN B 17 -20.70 16.70 20.80
CA ASN B 17 -20.26 16.57 22.19
C ASN B 17 -21.21 15.75 23.05
N GLN B 18 -22.43 15.48 22.58
CA GLN B 18 -23.34 14.61 23.33
C GLN B 18 -22.88 13.17 23.33
N LEU B 19 -22.04 12.77 22.37
CA LEU B 19 -21.52 11.41 22.35
C LEU B 19 -20.55 11.20 23.51
N PRO B 20 -20.51 9.99 24.07
CA PRO B 20 -19.58 9.71 25.17
C PRO B 20 -18.14 9.93 24.74
N PRO B 21 -17.23 10.19 25.69
CA PRO B 21 -15.83 10.42 25.31
C PRO B 21 -15.17 9.22 24.67
N SER B 22 -15.65 8.01 24.94
CA SER B 22 -15.09 6.82 24.30
C SER B 22 -15.34 6.85 22.79
N ILE B 23 -16.57 7.18 22.38
CA ILE B 23 -16.87 7.26 20.96
C ILE B 23 -16.06 8.35 20.30
N LEU B 24 -15.90 9.50 20.97
CA LEU B 24 -15.14 10.60 20.39
C LEU B 24 -13.66 10.23 20.25
N LEU B 25 -13.11 9.53 21.24
CA LEU B 25 -11.73 9.05 21.12
C LEU B 25 -11.60 8.05 19.97
N LYS B 26 -12.58 7.17 19.82
CA LYS B 26 -12.54 6.20 18.72
C LYS B 26 -12.60 6.91 17.37
N ILE B 27 -13.39 7.98 17.28
CA ILE B 27 -13.46 8.75 16.03
C ILE B 27 -12.14 9.45 15.76
N PHE B 28 -11.55 10.06 16.81
CA PHE B 28 -10.29 10.77 16.63
C PHE B 28 -9.14 9.82 16.30
N SER B 29 -9.26 8.55 16.70
CA SER B 29 -8.23 7.58 16.36
C SER B 29 -8.11 7.37 14.85
N ASN B 30 -9.20 7.59 14.12
CA ASN B 30 -9.19 7.45 12.66
C ASN B 30 -8.61 8.68 11.96
N LEU B 31 -8.19 9.69 12.69
CA LEU B 31 -7.61 10.90 12.13
C LEU B 31 -6.09 10.82 12.18
N SER B 32 -5.44 11.28 11.11
CA SER B 32 -3.99 11.31 11.07
C SER B 32 -3.47 12.29 12.12
N LEU B 33 -2.17 12.17 12.43
CA LEU B 33 -1.58 13.02 13.45
C LEU B 33 -1.63 14.49 13.04
N ASP B 34 -1.44 14.76 11.74
CA ASP B 34 -1.53 16.14 11.26
C ASP B 34 -2.94 16.70 11.44
N GLU B 35 -3.94 15.97 10.95
CA GLU B 35 -5.33 16.40 11.06
C GLU B 35 -5.80 16.48 12.51
N ARG B 36 -5.16 15.73 13.42
CA ARG B 36 -5.60 15.76 14.81
C ARG B 36 -4.93 16.90 15.58
N CYS B 37 -3.65 17.15 15.33
CA CYS B 37 -2.90 18.15 16.06
C CYS B 37 -3.06 19.56 15.50
N LEU B 38 -3.32 19.70 14.19
CA LEU B 38 -3.43 21.01 13.58
C LEU B 38 -4.87 21.46 13.38
N SER B 39 -5.86 20.59 13.61
CA SER B 39 -7.24 20.95 13.37
C SER B 39 -8.15 20.49 14.50
N ALA B 40 -8.07 19.21 14.85
CA ALA B 40 -8.98 18.67 15.86
C ALA B 40 -8.72 19.29 17.23
N SER B 41 -7.46 19.52 17.57
CA SER B 41 -7.13 20.09 18.87
C SER B 41 -7.49 21.57 18.96
N LEU B 42 -7.81 22.22 17.84
CA LEU B 42 -8.13 23.64 17.82
C LEU B 42 -9.61 23.91 17.59
N VAL B 43 -10.46 22.89 17.64
CA VAL B 43 -11.89 23.11 17.49
C VAL B 43 -12.48 23.71 18.77
N CYS B 44 -12.25 23.04 19.90
CA CYS B 44 -12.69 23.55 21.19
C CYS B 44 -11.84 22.90 22.28
N LYS B 45 -12.02 23.37 23.51
CA LYS B 45 -11.23 22.86 24.62
C LYS B 45 -11.57 21.41 24.94
N TYR B 46 -12.81 20.99 24.68
CA TYR B 46 -13.18 19.60 24.92
C TYR B 46 -12.42 18.67 23.97
N TRP B 47 -12.42 18.98 22.67
CA TRP B 47 -11.64 18.20 21.73
C TRP B 47 -10.15 18.32 22.01
N ARG B 48 -9.71 19.48 22.52
CA ARG B 48 -8.30 19.64 22.90
C ARG B 48 -7.93 18.64 23.99
N ASP B 49 -8.75 18.56 25.05
CA ASP B 49 -8.47 17.61 26.13
C ASP B 49 -8.62 16.17 25.65
N LEU B 50 -9.51 15.90 24.71
CA LEU B 50 -9.67 14.54 24.21
C LEU B 50 -8.46 14.10 23.38
N CYS B 51 -8.05 14.92 22.42
CA CYS B 51 -6.90 14.57 21.58
C CYS B 51 -5.59 14.62 22.35
N LEU B 52 -5.52 15.41 23.43
CA LEU B 52 -4.32 15.46 24.24
C LEU B 52 -4.07 14.16 24.99
N ASP B 53 -5.11 13.34 25.18
CA ASP B 53 -4.96 12.12 25.95
C ASP B 53 -4.02 11.15 25.24
N PHE B 54 -3.20 10.47 26.04
CA PHE B 54 -2.26 9.47 25.53
C PHE B 54 -2.79 8.04 25.61
N GLN B 55 -3.94 7.84 26.27
CA GLN B 55 -4.43 6.49 26.51
C GLN B 55 -4.81 5.79 25.21
N PHE B 56 -5.65 6.44 24.39
CA PHE B 56 -6.12 5.85 23.14
C PHE B 56 -5.27 6.27 21.95
N TRP B 57 -3.97 6.46 22.13
CA TRP B 57 -3.10 6.73 20.99
C TRP B 57 -2.87 5.47 20.16
N LYS B 58 -2.45 4.39 20.82
CA LYS B 58 -2.27 3.09 20.19
C LYS B 58 -1.36 3.17 18.97
N GLN B 59 -1.93 3.04 17.78
CA GLN B 59 -1.16 3.18 16.55
C GLN B 59 -0.77 4.63 16.34
N LEU B 60 0.53 4.88 16.17
CA LEU B 60 1.05 6.21 15.91
C LEU B 60 1.84 6.19 14.61
N ASP B 61 1.62 7.21 13.78
CA ASP B 61 2.30 7.35 12.50
C ASP B 61 3.17 8.60 12.58
N LEU B 62 4.49 8.40 12.62
CA LEU B 62 5.45 9.50 12.66
C LEU B 62 6.22 9.60 11.35
N SER B 63 5.58 9.27 10.23
CA SER B 63 6.25 9.27 8.94
C SER B 63 6.71 10.67 8.57
N SER B 64 7.96 10.76 8.11
CA SER B 64 8.56 12.02 7.69
C SER B 64 8.54 13.05 8.83
N ARG B 65 7.39 13.71 8.99
CA ARG B 65 7.21 14.71 10.05
C ARG B 65 8.28 15.79 9.97
N GLN B 66 8.66 16.15 8.74
CA GLN B 66 9.81 17.01 8.44
C GLN B 66 11.01 16.67 9.33
N GLN B 67 11.17 15.38 9.66
CA GLN B 67 12.16 14.85 10.60
C GLN B 67 12.39 15.81 11.76
N VAL B 68 11.43 15.88 12.69
CA VAL B 68 11.37 16.92 13.70
C VAL B 68 11.40 16.35 15.11
N THR B 69 11.74 15.07 15.26
CA THR B 69 11.69 14.43 16.57
C THR B 69 12.97 13.64 16.84
N ASP B 70 13.34 13.58 18.12
CA ASP B 70 14.43 12.75 18.60
C ASP B 70 14.26 12.52 20.10
N GLU B 71 14.39 13.59 20.89
CA GLU B 71 14.11 13.49 22.31
C GLU B 71 12.62 13.37 22.58
N LEU B 72 11.79 13.92 21.68
CA LEU B 72 10.35 13.71 21.78
C LEU B 72 9.99 12.23 21.66
N LEU B 73 10.82 11.46 20.96
CA LEU B 73 10.60 10.01 20.91
C LEU B 73 10.70 9.40 22.29
N GLU B 74 11.74 9.75 23.04
CA GLU B 74 11.86 9.26 24.42
C GLU B 74 10.76 9.83 25.30
N LYS B 75 10.34 11.08 25.06
CA LYS B 75 9.24 11.65 25.83
C LYS B 75 7.97 10.82 25.67
N ILE B 76 7.58 10.56 24.41
CA ILE B 76 6.35 9.80 24.17
C ILE B 76 6.52 8.33 24.53
N ALA B 77 7.76 7.83 24.57
CA ALA B 77 7.99 6.46 25.05
C ALA B 77 7.75 6.37 26.55
N SER B 78 8.29 7.33 27.31
CA SER B 78 8.04 7.38 28.75
C SER B 78 6.61 7.80 29.07
N ARG B 79 5.89 8.38 28.11
CA ARG B 79 4.52 8.82 28.36
C ARG B 79 3.56 7.64 28.47
N SER B 80 3.45 6.85 27.41
CA SER B 80 2.48 5.76 27.35
C SER B 80 3.16 4.47 26.93
N GLN B 81 2.69 3.36 27.48
CA GLN B 81 3.11 2.03 27.07
C GLN B 81 2.08 1.36 26.16
N ASN B 82 0.97 2.03 25.86
CA ASN B 82 -0.14 1.43 25.15
C ASN B 82 0.00 1.69 23.65
N ILE B 83 1.05 1.10 23.08
CA ILE B 83 1.37 1.25 21.67
C ILE B 83 1.47 -0.15 21.06
N ILE B 84 0.73 -0.38 19.98
CA ILE B 84 0.75 -1.65 19.28
C ILE B 84 1.41 -1.56 17.90
N GLU B 85 1.46 -0.38 17.29
CA GLU B 85 2.08 -0.20 15.99
C GLU B 85 2.83 1.12 15.95
N ILE B 86 4.05 1.10 15.44
CA ILE B 86 4.90 2.28 15.35
C ILE B 86 5.37 2.40 13.91
N ASN B 87 5.17 3.58 13.31
CA ASN B 87 5.62 3.87 11.96
C ASN B 87 6.65 4.99 12.02
N ILE B 88 7.89 4.67 11.67
CA ILE B 88 8.98 5.64 11.69
C ILE B 88 9.56 5.75 10.28
N SER B 89 8.68 5.91 9.29
CA SER B 89 9.14 6.04 7.91
C SER B 89 9.79 7.40 7.69
N ASP B 90 10.88 7.41 6.92
CA ASP B 90 11.66 8.61 6.65
C ASP B 90 12.20 9.13 7.99
N CYS B 91 12.04 10.42 8.31
CA CYS B 91 12.50 11.04 9.55
C CYS B 91 13.84 10.51 10.03
N ARG B 92 14.93 11.06 9.51
CA ARG B 92 16.28 10.61 9.81
C ARG B 92 16.87 11.28 11.03
N SER B 93 16.07 12.05 11.78
CA SER B 93 16.62 12.87 12.86
C SER B 93 17.08 12.02 14.04
N MET B 94 16.17 11.23 14.61
CA MET B 94 16.49 10.49 15.82
C MET B 94 17.51 9.38 15.53
N SER B 95 18.22 8.97 16.57
CA SER B 95 19.25 7.96 16.49
C SER B 95 18.74 6.65 17.06
N ASP B 96 19.67 5.71 17.28
CA ASP B 96 19.30 4.39 17.79
C ASP B 96 18.88 4.43 19.25
N ASN B 97 19.31 5.44 20.01
CA ASN B 97 18.98 5.50 21.43
C ASN B 97 17.49 5.71 21.65
N GLY B 98 16.87 6.60 20.86
CA GLY B 98 15.44 6.80 20.96
C GLY B 98 14.66 5.54 20.62
N VAL B 99 15.07 4.84 19.57
CA VAL B 99 14.41 3.59 19.20
C VAL B 99 14.59 2.56 20.31
N CYS B 100 15.77 2.53 20.93
CA CYS B 100 16.04 1.57 21.99
C CYS B 100 15.14 1.83 23.20
N VAL B 101 15.03 3.10 23.61
CA VAL B 101 14.20 3.40 24.78
C VAL B 101 12.72 3.20 24.46
N LEU B 102 12.32 3.46 23.20
CA LEU B 102 10.94 3.21 22.81
C LEU B 102 10.62 1.72 22.83
N ALA B 103 11.57 0.89 22.42
CA ALA B 103 11.40 -0.56 22.53
C ALA B 103 11.38 -0.99 23.99
N PHE B 104 12.19 -0.34 24.83
CA PHE B 104 12.16 -0.64 26.26
C PHE B 104 10.81 -0.31 26.88
N LYS B 105 10.13 0.71 26.36
CA LYS B 105 8.88 1.19 26.94
C LYS B 105 7.63 0.61 26.28
N CYS B 106 7.77 -0.17 25.22
CA CYS B 106 6.62 -0.72 24.48
C CYS B 106 6.85 -2.18 24.16
N PRO B 107 6.57 -3.09 25.10
CA PRO B 107 6.72 -4.51 24.82
C PRO B 107 5.59 -5.06 23.96
N GLY B 108 4.40 -4.49 24.09
CA GLY B 108 3.23 -4.96 23.37
C GLY B 108 3.14 -4.45 21.95
N LEU B 109 4.28 -4.35 21.28
CA LEU B 109 4.34 -3.86 19.91
C LEU B 109 4.05 -4.99 18.93
N LEU B 110 3.13 -4.74 18.00
CA LEU B 110 2.76 -5.72 16.98
C LEU B 110 3.35 -5.41 15.62
N ARG B 111 3.30 -4.14 15.18
CA ARG B 111 3.76 -3.74 13.86
C ARG B 111 4.86 -2.70 14.00
N TYR B 112 5.98 -2.92 13.32
CA TYR B 112 7.09 -1.98 13.27
C TYR B 112 7.36 -1.61 11.83
N THR B 113 7.38 -0.31 11.53
CA THR B 113 7.59 0.18 10.18
C THR B 113 8.53 1.37 10.20
N ALA B 114 9.57 1.33 9.38
CA ALA B 114 10.54 2.42 9.32
C ALA B 114 11.33 2.38 8.02
N TYR B 115 10.76 2.91 6.95
CA TYR B 115 11.42 2.88 5.64
C TYR B 115 12.46 3.98 5.52
N ARG B 116 13.54 3.66 4.81
CA ARG B 116 14.55 4.64 4.39
C ARG B 116 15.20 5.36 5.57
N CYS B 117 15.34 4.67 6.70
CA CYS B 117 16.07 5.21 7.84
C CYS B 117 17.53 4.74 7.77
N LYS B 118 18.22 5.20 6.74
CA LYS B 118 19.59 4.77 6.45
C LYS B 118 20.59 5.20 7.52
N GLN B 119 20.16 5.80 8.62
CA GLN B 119 21.03 6.13 9.73
C GLN B 119 20.86 5.17 10.91
N LEU B 120 19.90 4.27 10.85
CA LEU B 120 19.67 3.29 11.91
C LEU B 120 20.54 2.05 11.65
N SER B 121 21.25 1.61 12.68
CA SER B 121 22.08 0.43 12.61
C SER B 121 21.30 -0.79 13.10
N ASP B 122 22.00 -1.86 13.44
CA ASP B 122 21.36 -3.07 13.93
C ASP B 122 21.19 -3.10 15.44
N THR B 123 21.75 -2.13 16.17
CA THR B 123 21.52 -2.06 17.61
C THR B 123 20.05 -1.77 17.89
N SER B 124 19.42 -0.93 17.07
CA SER B 124 18.00 -0.64 17.23
C SER B 124 17.16 -1.90 17.06
N ILE B 125 17.43 -2.68 16.01
CA ILE B 125 16.64 -3.89 15.80
C ILE B 125 16.97 -4.95 16.85
N ILE B 126 18.18 -4.94 17.39
CA ILE B 126 18.53 -5.85 18.49
C ILE B 126 17.68 -5.52 19.71
N ALA B 127 17.64 -4.24 20.09
CA ALA B 127 16.83 -3.84 21.24
C ALA B 127 15.35 -4.12 20.98
N VAL B 128 14.90 -3.93 19.75
CA VAL B 128 13.50 -4.21 19.41
C VAL B 128 13.21 -5.69 19.62
N ALA B 129 14.03 -6.56 19.03
CA ALA B 129 13.84 -8.00 19.20
C ALA B 129 13.91 -8.40 20.67
N SER B 130 14.72 -7.70 21.46
CA SER B 130 14.88 -8.06 22.86
C SER B 130 13.75 -7.53 23.75
N HIS B 131 13.00 -6.51 23.31
CA HIS B 131 12.04 -5.87 24.20
C HIS B 131 10.63 -5.77 23.60
N CYS B 132 10.30 -6.58 22.61
CA CYS B 132 8.91 -6.73 22.16
C CYS B 132 8.76 -7.98 21.31
N PRO B 133 8.49 -9.14 21.92
CA PRO B 133 8.43 -10.39 21.14
C PRO B 133 7.13 -10.60 20.38
N LEU B 134 6.07 -9.85 20.70
CA LEU B 134 4.77 -10.03 20.05
C LEU B 134 4.71 -9.39 18.66
N LEU B 135 5.86 -9.13 18.03
CA LEU B 135 5.86 -8.49 16.72
C LEU B 135 5.24 -9.39 15.67
N GLN B 136 4.41 -8.80 14.82
CA GLN B 136 3.78 -9.48 13.70
C GLN B 136 4.21 -8.91 12.35
N LYS B 137 4.39 -7.59 12.27
CA LYS B 137 4.73 -6.91 11.02
C LYS B 137 5.99 -6.10 11.25
N VAL B 138 7.03 -6.38 10.46
CA VAL B 138 8.31 -5.70 10.56
C VAL B 138 8.72 -5.30 9.14
N HIS B 139 8.67 -3.99 8.86
CA HIS B 139 9.04 -3.45 7.55
C HIS B 139 10.23 -2.53 7.75
N VAL B 140 11.43 -2.99 7.37
CA VAL B 140 12.65 -2.21 7.53
C VAL B 140 13.31 -2.05 6.16
N GLY B 141 12.69 -1.26 5.29
CA GLY B 141 13.24 -1.04 3.97
C GLY B 141 14.48 -0.15 4.03
N ASN B 142 15.41 -0.42 3.11
CA ASN B 142 16.69 0.30 3.01
C ASN B 142 17.42 0.13 4.33
N GLN B 143 17.83 1.20 5.02
CA GLN B 143 18.57 1.12 6.27
C GLN B 143 19.83 0.28 6.12
N ASP B 144 20.93 0.91 5.73
CA ASP B 144 22.19 0.19 5.63
C ASP B 144 22.71 -0.17 7.04
N LYS B 145 23.81 -0.92 7.07
CA LYS B 145 24.37 -1.45 8.31
C LYS B 145 23.34 -2.29 9.06
N LEU B 146 22.63 -3.15 8.34
CA LEU B 146 21.71 -4.12 8.91
C LEU B 146 22.34 -5.49 8.71
N THR B 147 23.18 -5.89 9.67
CA THR B 147 23.92 -7.14 9.56
C THR B 147 23.01 -8.32 9.87
N ASP B 148 23.55 -9.52 9.63
CA ASP B 148 22.83 -10.74 9.98
C ASP B 148 22.88 -11.04 11.47
N GLU B 149 23.91 -10.55 12.16
CA GLU B 149 23.99 -10.77 13.60
C GLU B 149 22.94 -9.98 14.35
N GLY B 150 22.56 -8.81 13.85
CA GLY B 150 21.39 -8.12 14.37
C GLY B 150 20.08 -8.67 13.87
N LEU B 151 20.11 -9.49 12.83
CA LEU B 151 18.92 -10.10 12.26
C LEU B 151 18.55 -11.42 12.90
N LYS B 152 19.56 -12.20 13.32
CA LYS B 152 19.27 -13.44 14.05
C LYS B 152 18.61 -13.17 15.39
N GLN B 153 18.80 -11.97 15.96
CA GLN B 153 18.06 -11.58 17.14
C GLN B 153 16.56 -11.61 16.89
N LEU B 154 16.11 -10.95 15.82
CA LEU B 154 14.70 -11.01 15.44
C LEU B 154 14.29 -12.42 15.06
N GLY B 155 15.19 -13.17 14.42
CA GLY B 155 14.86 -14.52 14.01
C GLY B 155 14.63 -15.46 15.18
N SER B 156 15.31 -15.23 16.30
CA SER B 156 15.22 -16.12 17.45
C SER B 156 14.30 -15.59 18.55
N LYS B 157 13.96 -14.30 18.54
CA LYS B 157 13.16 -13.72 19.61
C LYS B 157 11.72 -13.42 19.22
N CYS B 158 11.48 -12.98 17.99
CA CYS B 158 10.13 -12.62 17.55
C CYS B 158 9.53 -13.77 16.74
N ARG B 159 9.25 -14.87 17.43
CA ARG B 159 8.69 -16.05 16.80
C ARG B 159 7.24 -15.85 16.35
N GLU B 160 6.57 -14.79 16.80
CA GLU B 160 5.20 -14.49 16.41
C GLU B 160 5.11 -13.63 15.16
N LEU B 161 6.19 -13.55 14.38
CA LEU B 161 6.21 -12.69 13.21
C LEU B 161 5.34 -13.23 12.09
N LYS B 162 4.72 -12.32 11.35
CA LYS B 162 3.86 -12.65 10.22
C LYS B 162 4.30 -11.97 8.94
N ASP B 163 4.55 -10.67 8.98
CA ASP B 163 4.95 -9.88 7.82
C ASP B 163 6.36 -9.35 8.02
N ILE B 164 7.21 -9.52 7.00
CA ILE B 164 8.61 -9.09 7.05
C ILE B 164 8.96 -8.46 5.71
N HIS B 165 9.59 -7.29 5.75
CA HIS B 165 10.01 -6.58 4.54
C HIS B 165 11.43 -6.06 4.73
N PHE B 166 12.35 -6.49 3.87
CA PHE B 166 13.74 -6.04 3.88
C PHE B 166 14.12 -5.60 2.47
N GLY B 167 13.62 -4.44 2.05
CA GLY B 167 13.86 -3.94 0.71
C GLY B 167 15.12 -3.14 0.57
N GLN B 168 15.99 -3.55 -0.34
CA GLN B 168 17.24 -2.84 -0.66
C GLN B 168 18.16 -2.75 0.57
N CYS B 169 18.25 -3.85 1.32
CA CYS B 169 19.17 -3.95 2.46
C CYS B 169 20.34 -4.82 2.02
N TYR B 170 21.27 -4.18 1.30
CA TYR B 170 22.36 -4.91 0.65
C TYR B 170 23.32 -5.56 1.64
N LYS B 171 23.24 -5.23 2.93
CA LYS B 171 24.14 -5.77 3.94
C LYS B 171 23.60 -7.04 4.60
N ILE B 172 22.75 -7.80 3.90
CA ILE B 172 22.16 -9.02 4.43
C ILE B 172 22.58 -10.18 3.55
N SER B 173 23.03 -11.27 4.18
CA SER B 173 23.46 -12.48 3.50
C SER B 173 22.42 -13.58 3.74
N ASP B 174 22.88 -14.84 3.77
CA ASP B 174 21.97 -15.97 3.94
C ASP B 174 21.83 -16.43 5.38
N GLU B 175 22.79 -16.10 6.25
CA GLU B 175 22.73 -16.56 7.63
C GLU B 175 21.50 -16.00 8.34
N GLY B 176 21.33 -14.68 8.30
CA GLY B 176 20.18 -14.07 8.94
C GLY B 176 18.87 -14.54 8.34
N MET B 177 18.83 -14.75 7.03
CA MET B 177 17.61 -15.19 6.39
C MET B 177 17.25 -16.62 6.80
N ILE B 178 18.22 -17.51 6.87
CA ILE B 178 17.94 -18.88 7.31
C ILE B 178 17.56 -18.91 8.77
N VAL B 179 18.15 -18.04 9.60
CA VAL B 179 17.75 -17.97 11.00
C VAL B 179 16.32 -17.48 11.14
N ILE B 180 15.94 -16.47 10.34
CA ILE B 180 14.56 -16.01 10.32
C ILE B 180 13.63 -17.14 9.87
N ALA B 181 14.08 -17.93 8.91
CA ALA B 181 13.24 -19.01 8.38
C ALA B 181 13.05 -20.13 9.39
N LYS B 182 14.06 -20.42 10.21
CA LYS B 182 13.92 -21.47 11.21
C LYS B 182 12.80 -21.16 12.19
N GLY B 183 12.87 -20.00 12.83
CA GLY B 183 11.79 -19.53 13.67
C GLY B 183 10.70 -18.85 12.86
N CYS B 184 9.80 -18.20 13.58
CA CYS B 184 8.71 -17.42 12.99
C CYS B 184 7.90 -18.26 11.99
N LEU B 185 7.32 -19.34 12.50
CA LEU B 185 6.59 -20.28 11.66
C LEU B 185 5.33 -19.66 11.06
N LYS B 186 4.84 -18.56 11.63
CA LYS B 186 3.60 -17.92 11.19
C LYS B 186 3.83 -16.86 10.12
N LEU B 187 5.01 -16.84 9.49
CA LEU B 187 5.36 -15.81 8.52
C LEU B 187 4.49 -15.97 7.28
N GLN B 188 3.50 -15.09 7.13
CA GLN B 188 2.60 -15.11 5.99
C GLN B 188 3.08 -14.25 4.84
N ARG B 189 3.96 -13.28 5.09
CA ARG B 189 4.44 -12.37 4.06
C ARG B 189 5.95 -12.21 4.19
N ILE B 190 6.61 -12.07 3.05
CA ILE B 190 8.06 -11.83 2.99
C ILE B 190 8.36 -11.15 1.66
N TYR B 191 9.13 -10.07 1.71
CA TYR B 191 9.47 -9.31 0.52
C TYR B 191 10.89 -8.80 0.62
N MET B 192 11.69 -9.08 -0.40
CA MET B 192 13.06 -8.61 -0.49
C MET B 192 13.35 -8.19 -1.93
N GLN B 193 14.01 -7.05 -2.09
CA GLN B 193 14.26 -6.47 -3.40
C GLN B 193 15.72 -6.07 -3.53
N GLU B 194 16.33 -6.44 -4.66
CA GLU B 194 17.72 -6.10 -4.98
C GLU B 194 18.68 -6.52 -3.88
N ASN B 195 18.35 -7.58 -3.14
CA ASN B 195 19.17 -8.04 -2.03
C ASN B 195 20.12 -9.12 -2.51
N LYS B 196 21.34 -8.70 -2.87
CA LYS B 196 22.36 -9.66 -3.25
C LYS B 196 22.81 -10.42 -2.00
N LEU B 197 23.65 -11.44 -2.22
CA LEU B 197 24.19 -12.26 -1.13
C LEU B 197 23.10 -13.13 -0.51
N VAL B 198 21.88 -13.01 -1.01
CA VAL B 198 20.75 -13.83 -0.61
C VAL B 198 20.37 -14.69 -1.81
N THR B 199 20.64 -15.98 -1.73
CA THR B 199 20.50 -16.87 -2.88
C THR B 199 19.45 -17.94 -2.66
N ASP B 200 19.58 -19.06 -3.38
CA ASP B 200 18.61 -20.14 -3.33
C ASP B 200 18.48 -20.77 -1.95
N GLN B 201 19.54 -20.69 -1.13
CA GLN B 201 19.49 -21.33 0.19
C GLN B 201 18.44 -20.68 1.08
N SER B 202 18.38 -19.35 1.09
CA SER B 202 17.37 -18.67 1.89
C SER B 202 15.97 -19.00 1.41
N VAL B 203 15.77 -19.06 0.09
CA VAL B 203 14.45 -19.36 -0.46
C VAL B 203 14.03 -20.78 -0.08
N LYS B 204 14.96 -21.73 -0.17
CA LYS B 204 14.64 -23.11 0.19
C LYS B 204 14.34 -23.24 1.67
N ALA B 205 15.18 -22.63 2.52
CA ALA B 205 14.95 -22.70 3.96
C ALA B 205 13.66 -22.00 4.36
N PHE B 206 13.21 -21.02 3.57
CA PHE B 206 11.95 -20.35 3.87
C PHE B 206 10.76 -21.16 3.41
N ALA B 207 10.89 -21.85 2.27
CA ALA B 207 9.75 -22.55 1.68
C ALA B 207 9.43 -23.85 2.42
N GLU B 208 10.42 -24.49 3.03
CA GLU B 208 10.21 -25.77 3.70
C GLU B 208 10.03 -25.65 5.21
N HIS B 209 10.17 -24.44 5.77
CA HIS B 209 10.01 -24.25 7.20
C HIS B 209 8.79 -23.44 7.59
N CYS B 210 8.23 -22.66 6.68
CA CYS B 210 7.10 -21.78 6.97
C CYS B 210 5.99 -22.05 5.96
N PRO B 211 5.15 -23.06 6.21
CA PRO B 211 4.04 -23.34 5.29
C PRO B 211 2.95 -22.28 5.30
N GLU B 212 2.96 -21.36 6.27
CA GLU B 212 2.00 -20.27 6.38
C GLU B 212 2.22 -19.17 5.36
N LEU B 213 3.16 -19.34 4.43
CA LEU B 213 3.55 -18.28 3.54
C LEU B 213 2.50 -18.05 2.46
N GLN B 214 2.12 -16.78 2.27
CA GLN B 214 1.18 -16.39 1.23
C GLN B 214 1.79 -15.41 0.24
N TYR B 215 2.44 -14.35 0.72
CA TYR B 215 3.10 -13.37 -0.13
C TYR B 215 4.61 -13.54 -0.04
N VAL B 216 5.26 -13.68 -1.20
CA VAL B 216 6.70 -13.90 -1.26
C VAL B 216 7.25 -13.16 -2.47
N GLY B 217 8.42 -12.55 -2.30
CA GLY B 217 9.07 -11.83 -3.38
C GLY B 217 10.57 -11.74 -3.23
N PHE B 218 11.30 -12.13 -4.28
CA PHE B 218 12.76 -12.08 -4.30
C PHE B 218 13.23 -11.32 -5.55
N MET B 219 12.76 -10.08 -5.69
CA MET B 219 13.12 -9.29 -6.86
C MET B 219 14.60 -8.91 -6.81
N GLY B 220 15.29 -9.09 -7.93
CA GLY B 220 16.67 -8.67 -8.06
C GLY B 220 17.66 -9.43 -7.19
N CYS B 221 17.22 -10.44 -6.47
CA CYS B 221 18.12 -11.22 -5.63
C CYS B 221 18.88 -12.24 -6.46
N SER B 222 19.94 -12.79 -5.87
CA SER B 222 20.79 -13.77 -6.55
C SER B 222 20.17 -15.17 -6.48
N VAL B 223 18.94 -15.27 -6.96
CA VAL B 223 18.15 -16.50 -6.92
C VAL B 223 18.02 -17.04 -8.33
N THR B 224 18.13 -18.36 -8.46
CA THR B 224 17.96 -19.05 -9.73
C THR B 224 16.73 -19.95 -9.66
N SER B 225 16.55 -20.77 -10.71
CA SER B 225 15.41 -21.67 -10.74
C SER B 225 15.49 -22.73 -9.66
N LYS B 226 16.71 -23.07 -9.22
CA LYS B 226 16.88 -24.09 -8.19
C LYS B 226 16.21 -23.69 -6.88
N GLY B 227 16.20 -22.40 -6.56
CA GLY B 227 15.53 -21.94 -5.36
C GLY B 227 14.06 -21.67 -5.58
N VAL B 228 13.71 -21.25 -6.81
CA VAL B 228 12.31 -20.94 -7.11
C VAL B 228 11.46 -22.20 -7.11
N ILE B 229 12.03 -23.32 -7.58
CA ILE B 229 11.26 -24.56 -7.66
C ILE B 229 10.87 -25.08 -6.28
N HIS B 230 11.59 -24.68 -5.23
CA HIS B 230 11.24 -25.12 -3.88
C HIS B 230 9.98 -24.47 -3.34
N LEU B 231 9.43 -23.47 -4.03
CA LEU B 231 8.21 -22.82 -3.58
C LEU B 231 6.96 -23.65 -3.84
N THR B 232 7.10 -24.82 -4.47
CA THR B 232 5.95 -25.71 -4.67
C THR B 232 5.48 -26.33 -3.36
N LYS B 233 6.33 -26.37 -2.33
CA LYS B 233 5.94 -26.87 -1.02
C LYS B 233 4.96 -25.94 -0.31
N LEU B 234 4.71 -24.75 -0.86
CA LEU B 234 3.84 -23.76 -0.26
C LEU B 234 2.54 -23.72 -1.06
N ARG B 235 1.59 -24.58 -0.69
CA ARG B 235 0.30 -24.59 -1.36
C ARG B 235 -0.58 -23.41 -0.96
N ASN B 236 -0.10 -22.55 -0.04
CA ASN B 236 -0.82 -21.35 0.35
C ASN B 236 -0.26 -20.09 -0.30
N LEU B 237 0.57 -20.24 -1.33
CA LEU B 237 1.11 -19.06 -2.01
C LEU B 237 0.01 -18.35 -2.78
N SER B 238 -0.14 -17.06 -2.50
CA SER B 238 -1.12 -16.21 -3.19
C SER B 238 -0.50 -15.24 -4.17
N SER B 239 0.62 -14.61 -3.81
CA SER B 239 1.30 -13.66 -4.68
C SER B 239 2.79 -13.97 -4.72
N LEU B 240 3.36 -13.96 -5.92
CA LEU B 240 4.76 -14.29 -6.13
C LEU B 240 5.40 -13.22 -6.99
N ASP B 241 6.52 -12.66 -6.49
CA ASP B 241 7.23 -11.57 -7.16
C ASP B 241 8.63 -12.07 -7.51
N LEU B 242 8.88 -12.26 -8.81
CA LEU B 242 10.17 -12.75 -9.31
C LEU B 242 10.63 -11.86 -10.47
N ARG B 243 10.82 -10.58 -10.18
CA ARG B 243 11.21 -9.61 -11.20
C ARG B 243 12.72 -9.46 -11.24
N HIS B 244 13.27 -9.38 -12.45
CA HIS B 244 14.71 -9.21 -12.69
C HIS B 244 15.52 -10.20 -11.87
N ILE B 245 15.16 -11.47 -11.99
CA ILE B 245 15.77 -12.54 -11.22
C ILE B 245 16.61 -13.40 -12.15
N THR B 246 17.69 -13.95 -11.62
CA THR B 246 18.71 -14.62 -12.43
C THR B 246 18.18 -15.91 -13.01
N GLU B 247 17.88 -15.90 -14.30
CA GLU B 247 17.64 -17.10 -15.11
C GLU B 247 16.56 -18.01 -14.53
N LEU B 248 15.31 -17.72 -14.85
CA LEU B 248 14.17 -18.55 -14.44
C LEU B 248 13.60 -19.20 -15.69
N ASP B 249 13.86 -20.50 -15.86
CA ASP B 249 13.34 -21.23 -17.00
C ASP B 249 11.83 -21.35 -16.93
N ASN B 250 11.22 -21.72 -18.05
CA ASN B 250 9.78 -21.79 -18.13
C ASN B 250 9.22 -22.94 -17.29
N GLU B 251 9.93 -24.06 -17.24
CA GLU B 251 9.42 -25.24 -16.55
C GLU B 251 9.24 -24.98 -15.06
N THR B 252 10.11 -24.16 -14.47
CA THR B 252 10.01 -23.89 -13.04
C THR B 252 8.73 -23.14 -12.70
N VAL B 253 8.43 -22.06 -13.43
CA VAL B 253 7.21 -21.33 -13.17
C VAL B 253 5.99 -22.14 -13.59
N MET B 254 6.14 -23.01 -14.59
CA MET B 254 5.06 -23.94 -14.91
C MET B 254 4.71 -24.81 -13.71
N GLU B 255 5.72 -25.44 -13.10
CA GLU B 255 5.48 -26.24 -11.92
C GLU B 255 4.96 -25.41 -10.76
N ILE B 256 5.41 -24.15 -10.65
CA ILE B 256 4.92 -23.27 -9.59
C ILE B 256 3.42 -23.05 -9.74
N VAL B 257 2.97 -22.71 -10.95
CA VAL B 257 1.55 -22.48 -11.19
C VAL B 257 0.77 -23.78 -11.05
N LYS B 258 1.38 -24.92 -11.39
CA LYS B 258 0.68 -26.20 -11.29
C LYS B 258 0.45 -26.59 -9.83
N ARG B 259 1.49 -26.53 -9.01
CA ARG B 259 1.38 -26.95 -7.62
C ARG B 259 0.64 -25.91 -6.78
N CYS B 260 1.16 -24.69 -6.75
CA CYS B 260 0.53 -23.61 -5.98
C CYS B 260 -0.78 -23.20 -6.64
N LYS B 261 -1.87 -23.89 -6.30
CA LYS B 261 -3.16 -23.60 -6.93
C LYS B 261 -3.81 -22.34 -6.38
N ASN B 262 -3.36 -21.84 -5.23
CA ASN B 262 -3.87 -20.59 -4.67
C ASN B 262 -3.17 -19.36 -5.21
N LEU B 263 -2.36 -19.51 -6.27
CA LEU B 263 -1.59 -18.40 -6.80
C LEU B 263 -2.52 -17.39 -7.47
N SER B 264 -2.49 -16.14 -7.00
CA SER B 264 -3.33 -15.08 -7.52
C SER B 264 -2.56 -14.05 -8.33
N SER B 265 -1.42 -13.59 -7.83
CA SER B 265 -0.60 -12.59 -8.51
C SER B 265 0.77 -13.18 -8.78
N LEU B 266 1.16 -13.19 -10.05
CA LEU B 266 2.46 -13.69 -10.48
C LEU B 266 3.21 -12.58 -11.21
N ASN B 267 4.41 -12.26 -10.75
CA ASN B 267 5.21 -11.17 -11.30
C ASN B 267 6.47 -11.75 -11.90
N LEU B 268 6.61 -11.63 -13.22
CA LEU B 268 7.75 -12.20 -13.95
C LEU B 268 8.45 -11.16 -14.81
N CYS B 269 8.39 -9.89 -14.40
CA CYS B 269 8.96 -8.82 -15.20
C CYS B 269 10.47 -8.94 -15.28
N LEU B 270 11.03 -8.42 -16.39
CA LEU B 270 12.47 -8.39 -16.62
C LEU B 270 13.08 -9.79 -16.63
N ASN B 271 12.33 -10.77 -17.13
CA ASN B 271 12.83 -12.12 -17.33
C ASN B 271 12.81 -12.41 -18.83
N TRP B 272 13.97 -12.34 -19.45
CA TRP B 272 14.10 -12.40 -20.90
C TRP B 272 13.93 -13.80 -21.47
N ILE B 273 13.64 -14.81 -20.65
CA ILE B 273 13.56 -16.18 -21.11
C ILE B 273 12.17 -16.80 -20.99
N ILE B 274 11.21 -16.11 -20.37
CA ILE B 274 9.84 -16.60 -20.35
C ILE B 274 9.23 -16.40 -21.72
N ASN B 275 8.73 -17.48 -22.32
CA ASN B 275 8.17 -17.46 -23.67
C ASN B 275 6.64 -17.51 -23.60
N ASP B 276 6.01 -17.62 -24.78
CA ASP B 276 4.55 -17.63 -24.85
C ASP B 276 3.96 -18.99 -24.52
N ARG B 277 4.69 -20.07 -24.79
CA ARG B 277 4.23 -21.39 -24.38
C ARG B 277 4.11 -21.49 -22.86
N CYS B 278 5.06 -20.87 -22.15
CA CYS B 278 4.97 -20.84 -20.70
C CYS B 278 3.75 -20.05 -20.23
N VAL B 279 3.44 -18.95 -20.91
CA VAL B 279 2.26 -18.17 -20.56
C VAL B 279 0.99 -18.99 -20.82
N GLU B 280 1.00 -19.78 -21.90
CA GLU B 280 -0.15 -20.64 -22.19
C GLU B 280 -0.34 -21.69 -21.10
N VAL B 281 0.75 -22.33 -20.69
CA VAL B 281 0.68 -23.33 -19.62
C VAL B 281 0.19 -22.71 -18.32
N ILE B 282 0.68 -21.50 -18.02
CA ILE B 282 0.29 -20.82 -16.79
C ILE B 282 -1.20 -20.46 -16.84
N ALA B 283 -1.68 -19.98 -17.99
CA ALA B 283 -3.08 -19.63 -18.12
C ALA B 283 -3.98 -20.85 -18.04
N LYS B 284 -3.53 -21.99 -18.56
CA LYS B 284 -4.34 -23.20 -18.49
C LYS B 284 -4.39 -23.74 -17.06
N GLU B 285 -3.22 -24.00 -16.47
CA GLU B 285 -3.15 -24.60 -15.14
C GLU B 285 -3.22 -23.58 -14.01
N GLY B 286 -3.56 -22.34 -14.31
CA GLY B 286 -3.73 -21.33 -13.28
C GLY B 286 -5.19 -21.00 -13.02
N GLN B 287 -5.87 -21.87 -12.27
CA GLN B 287 -7.31 -21.72 -12.05
C GLN B 287 -7.64 -20.56 -11.13
N ASN B 288 -6.68 -20.10 -10.32
CA ASN B 288 -6.90 -18.98 -9.42
C ASN B 288 -6.05 -17.76 -9.77
N LEU B 289 -5.41 -17.75 -10.94
CA LEU B 289 -4.56 -16.64 -11.31
C LEU B 289 -5.40 -15.41 -11.64
N LYS B 290 -5.11 -14.30 -10.97
CA LYS B 290 -5.85 -13.06 -11.15
C LYS B 290 -5.02 -11.93 -11.75
N GLU B 291 -3.73 -11.86 -11.44
CA GLU B 291 -2.86 -10.80 -11.94
C GLU B 291 -1.57 -11.43 -12.48
N LEU B 292 -1.23 -11.10 -13.72
CA LEU B 292 -0.03 -11.61 -14.37
C LEU B 292 0.73 -10.44 -14.98
N TYR B 293 2.01 -10.31 -14.61
CA TYR B 293 2.85 -9.21 -15.08
C TYR B 293 4.02 -9.78 -15.87
N LEU B 294 4.11 -9.39 -17.14
CA LEU B 294 5.11 -9.92 -18.07
C LEU B 294 5.83 -8.78 -18.79
N VAL B 295 6.26 -7.76 -18.03
CA VAL B 295 6.95 -6.62 -18.62
C VAL B 295 8.34 -7.05 -19.07
N SER B 296 8.70 -6.66 -20.30
CA SER B 296 9.98 -6.96 -20.95
C SER B 296 10.20 -8.44 -21.19
N CYS B 297 9.18 -9.28 -21.01
CA CYS B 297 9.31 -10.70 -21.28
C CYS B 297 9.26 -10.93 -22.79
N LYS B 298 10.31 -11.58 -23.33
CA LYS B 298 10.42 -11.79 -24.76
C LYS B 298 9.36 -12.80 -25.20
N ILE B 299 8.14 -12.29 -25.43
CA ILE B 299 7.02 -13.10 -25.86
C ILE B 299 6.48 -12.57 -27.18
N THR B 300 5.23 -12.90 -27.49
CA THR B 300 4.57 -12.42 -28.71
C THR B 300 3.08 -12.37 -28.46
N ASP B 301 2.30 -12.19 -29.53
CA ASP B 301 0.85 -12.15 -29.41
C ASP B 301 0.28 -13.49 -28.94
N TYR B 302 1.00 -14.59 -29.16
CA TYR B 302 0.50 -15.90 -28.79
C TYR B 302 0.21 -16.00 -27.30
N ALA B 303 1.02 -15.32 -26.48
CA ALA B 303 0.79 -15.34 -25.03
C ALA B 303 -0.55 -14.70 -24.69
N LEU B 304 -0.84 -13.53 -25.27
CA LEU B 304 -2.11 -12.86 -25.00
C LEU B 304 -3.28 -13.67 -25.55
N ILE B 305 -3.11 -14.28 -26.73
CA ILE B 305 -4.17 -15.11 -27.30
C ILE B 305 -4.48 -16.28 -26.39
N ALA B 306 -3.43 -16.92 -25.85
CA ALA B 306 -3.63 -18.03 -24.94
C ALA B 306 -4.30 -17.58 -23.65
N ILE B 307 -3.88 -16.43 -23.11
CA ILE B 307 -4.53 -15.89 -21.91
C ILE B 307 -6.01 -15.67 -22.16
N GLY B 308 -6.35 -15.15 -23.35
CA GLY B 308 -7.75 -14.89 -23.64
C GLY B 308 -8.57 -16.16 -23.84
N ARG B 309 -7.99 -17.14 -24.54
CA ARG B 309 -8.75 -18.34 -24.89
C ARG B 309 -8.85 -19.35 -23.77
N TYR B 310 -7.86 -19.40 -22.87
CA TYR B 310 -7.77 -20.50 -21.91
C TYR B 310 -7.96 -20.09 -20.46
N SER B 311 -7.62 -18.87 -20.08
CA SER B 311 -7.72 -18.42 -18.69
C SER B 311 -9.01 -17.64 -18.51
N MET B 312 -9.89 -18.14 -17.64
CA MET B 312 -11.15 -17.49 -17.33
C MET B 312 -11.12 -16.75 -15.99
N THR B 313 -9.92 -16.45 -15.48
CA THR B 313 -9.78 -15.80 -14.18
C THR B 313 -8.82 -14.62 -14.17
N ILE B 314 -7.97 -14.45 -15.17
CA ILE B 314 -7.00 -13.36 -15.17
C ILE B 314 -7.74 -12.04 -15.40
N GLU B 315 -7.57 -11.11 -14.47
CA GLU B 315 -8.12 -9.76 -14.60
C GLU B 315 -7.08 -8.74 -15.04
N THR B 316 -5.87 -8.83 -14.51
CA THR B 316 -4.80 -7.88 -14.81
C THR B 316 -3.67 -8.61 -15.53
N VAL B 317 -3.39 -8.19 -16.76
CA VAL B 317 -2.26 -8.70 -17.53
C VAL B 317 -1.48 -7.51 -18.06
N ASP B 318 -0.16 -7.54 -17.91
CA ASP B 318 0.71 -6.44 -18.30
C ASP B 318 1.85 -6.99 -19.13
N VAL B 319 1.93 -6.55 -20.39
CA VAL B 319 3.00 -6.94 -21.29
C VAL B 319 3.78 -5.70 -21.70
N GLY B 320 4.11 -4.85 -20.73
CA GLY B 320 4.82 -3.62 -21.03
C GLY B 320 6.20 -3.87 -21.59
N TRP B 321 6.59 -3.00 -22.52
CA TRP B 321 7.90 -3.04 -23.17
C TRP B 321 8.17 -4.36 -23.87
N CYS B 322 7.13 -5.10 -24.23
CA CYS B 322 7.27 -6.32 -25.02
C CYS B 322 7.31 -5.92 -26.50
N LYS B 323 8.43 -6.25 -27.16
CA LYS B 323 8.69 -5.71 -28.49
C LYS B 323 7.68 -6.20 -29.52
N GLU B 324 7.33 -7.48 -29.48
CA GLU B 324 6.61 -8.12 -30.57
C GLU B 324 5.09 -8.11 -30.41
N ILE B 325 4.56 -7.34 -29.48
CA ILE B 325 3.11 -7.24 -29.32
C ILE B 325 2.56 -6.29 -30.38
N THR B 326 1.47 -6.71 -31.01
CA THR B 326 0.87 -5.95 -32.11
C THR B 326 -0.61 -5.67 -31.80
N ASP B 327 -1.32 -5.12 -32.79
CA ASP B 327 -2.73 -4.78 -32.61
C ASP B 327 -3.57 -6.04 -32.43
N GLN B 328 -3.30 -7.09 -33.21
CA GLN B 328 -4.09 -8.31 -33.12
C GLN B 328 -3.95 -8.97 -31.75
N GLY B 329 -2.73 -8.93 -31.18
CA GLY B 329 -2.53 -9.55 -29.87
C GLY B 329 -3.38 -8.93 -28.79
N ALA B 330 -3.67 -7.63 -28.90
CA ALA B 330 -4.56 -6.94 -27.96
C ALA B 330 -6.02 -7.11 -28.33
N THR B 331 -6.34 -7.08 -29.62
CA THR B 331 -7.74 -7.20 -30.05
C THR B 331 -8.32 -8.56 -29.70
N LEU B 332 -7.55 -9.62 -29.98
CA LEU B 332 -8.05 -10.97 -29.72
C LEU B 332 -8.23 -11.21 -28.23
N ILE B 333 -7.34 -10.67 -27.40
CA ILE B 333 -7.48 -10.87 -25.96
C ILE B 333 -8.58 -9.98 -25.40
N ALA B 334 -8.87 -8.84 -26.05
CA ALA B 334 -10.02 -8.04 -25.63
C ALA B 334 -11.33 -8.69 -26.05
N GLN B 335 -11.31 -9.51 -27.09
CA GLN B 335 -12.51 -10.20 -27.54
C GLN B 335 -12.77 -11.49 -26.76
N SER B 336 -11.71 -12.23 -26.42
CA SER B 336 -11.86 -13.58 -25.91
C SER B 336 -11.75 -13.72 -24.40
N SER B 337 -11.24 -12.70 -23.70
CA SER B 337 -11.08 -12.76 -22.26
C SER B 337 -12.30 -12.14 -21.59
N LYS B 338 -12.99 -12.95 -20.78
CA LYS B 338 -14.19 -12.48 -20.09
C LYS B 338 -13.90 -11.82 -18.76
N SER B 339 -12.80 -12.19 -18.11
CA SER B 339 -12.43 -11.64 -16.81
C SER B 339 -11.48 -10.46 -16.91
N LEU B 340 -11.05 -10.09 -18.13
CA LEU B 340 -10.08 -9.03 -18.29
C LEU B 340 -10.69 -7.67 -17.98
N ARG B 341 -10.00 -6.89 -17.16
CA ARG B 341 -10.40 -5.52 -16.88
C ARG B 341 -9.25 -4.51 -16.96
N TYR B 342 -8.00 -4.95 -16.98
CA TYR B 342 -6.85 -4.05 -17.12
C TYR B 342 -5.87 -4.69 -18.09
N LEU B 343 -5.57 -3.99 -19.18
CA LEU B 343 -4.59 -4.45 -20.16
C LEU B 343 -3.37 -3.54 -20.08
N GLY B 344 -2.20 -4.15 -19.86
CA GLY B 344 -0.97 -3.40 -19.77
C GLY B 344 -0.21 -3.34 -21.08
N LEU B 345 -0.62 -2.46 -21.97
CA LEU B 345 0.02 -2.29 -23.28
C LEU B 345 0.96 -1.09 -23.27
N MET B 346 1.86 -1.05 -22.29
CA MET B 346 2.76 0.09 -22.11
C MET B 346 3.98 -0.07 -23.01
N ARG B 347 4.22 0.92 -23.87
CA ARG B 347 5.41 0.98 -24.71
C ARG B 347 5.52 -0.24 -25.63
N CYS B 348 4.38 -0.69 -26.16
CA CYS B 348 4.37 -1.69 -27.21
C CYS B 348 4.33 -0.94 -28.53
N ASP B 349 5.52 -0.57 -29.03
CA ASP B 349 5.60 0.38 -30.13
C ASP B 349 4.99 -0.15 -31.42
N LYS B 350 4.93 -1.48 -31.57
CA LYS B 350 4.31 -2.08 -32.74
C LYS B 350 2.79 -2.03 -32.70
N VAL B 351 2.22 -1.37 -31.69
CA VAL B 351 0.77 -1.24 -31.54
C VAL B 351 0.36 0.16 -31.97
N ASN B 352 -0.63 0.24 -32.86
CA ASN B 352 -1.14 1.52 -33.32
C ASN B 352 -2.06 2.14 -32.27
N GLU B 353 -1.97 3.45 -32.11
CA GLU B 353 -2.73 4.14 -31.09
C GLU B 353 -4.19 4.32 -31.48
N VAL B 354 -4.48 4.43 -32.78
CA VAL B 354 -5.86 4.54 -33.23
C VAL B 354 -6.62 3.24 -32.93
N THR B 355 -5.93 2.11 -33.06
CA THR B 355 -6.53 0.84 -32.68
C THR B 355 -6.88 0.81 -31.19
N VAL B 356 -5.97 1.31 -30.35
CA VAL B 356 -6.24 1.35 -28.92
C VAL B 356 -7.40 2.29 -28.61
N GLU B 357 -7.51 3.39 -29.37
CA GLU B 357 -8.65 4.29 -29.18
C GLU B 357 -9.95 3.60 -29.55
N GLN B 358 -9.97 2.89 -30.66
CA GLN B 358 -11.16 2.12 -31.03
C GLN B 358 -11.50 1.09 -29.95
N LEU B 359 -10.47 0.45 -29.38
CA LEU B 359 -10.71 -0.55 -28.35
C LEU B 359 -11.33 0.08 -27.11
N VAL B 360 -10.76 1.19 -26.64
CA VAL B 360 -11.33 1.85 -25.46
C VAL B 360 -12.70 2.43 -25.75
N GLN B 361 -13.03 2.67 -27.03
CA GLN B 361 -14.36 3.18 -27.35
C GLN B 361 -15.40 2.06 -27.44
N GLN B 362 -15.03 0.87 -27.90
CA GLN B 362 -15.99 -0.21 -28.10
C GLN B 362 -15.74 -1.40 -27.18
N TYR B 363 -15.04 -1.20 -26.06
CA TYR B 363 -14.86 -2.25 -25.06
C TYR B 363 -14.93 -1.62 -23.67
N PRO B 364 -16.06 -1.75 -22.98
CA PRO B 364 -16.18 -1.18 -21.64
C PRO B 364 -15.53 -2.06 -20.59
N HIS B 365 -15.40 -1.50 -19.39
CA HIS B 365 -14.86 -2.16 -18.20
C HIS B 365 -13.44 -2.66 -18.40
N ILE B 366 -12.74 -2.19 -19.45
CA ILE B 366 -11.36 -2.55 -19.70
C ILE B 366 -10.56 -1.25 -19.81
N THR B 367 -9.56 -1.09 -18.94
CA THR B 367 -8.76 0.12 -18.90
C THR B 367 -7.45 -0.14 -19.65
N PHE B 368 -7.48 0.09 -20.95
CA PHE B 368 -6.28 -0.08 -21.77
C PHE B 368 -5.25 0.99 -21.39
N SER B 369 -4.05 0.55 -21.07
CA SER B 369 -3.00 1.42 -20.52
C SER B 369 -1.81 1.47 -21.47
N THR B 370 -1.71 2.54 -22.24
CA THR B 370 -0.55 2.83 -23.05
C THR B 370 0.11 4.11 -22.53
N VAL B 371 1.06 4.64 -23.30
CA VAL B 371 1.68 5.91 -22.94
C VAL B 371 0.68 7.04 -23.07
N LEU B 372 0.10 7.21 -24.26
CA LEU B 372 -0.81 8.32 -24.51
C LEU B 372 -2.08 8.20 -23.66
N GLN B 373 -2.56 6.98 -23.43
CA GLN B 373 -3.79 6.81 -22.67
C GLN B 373 -3.62 7.21 -21.20
N ASP B 374 -2.53 6.76 -20.57
CA ASP B 374 -2.28 7.14 -19.18
C ASP B 374 -1.94 8.62 -19.06
N CYS B 375 -1.17 9.15 -20.03
CA CYS B 375 -0.92 10.58 -20.04
C CYS B 375 -2.22 11.36 -20.17
N LYS B 376 -3.16 10.84 -20.96
CA LYS B 376 -4.46 11.52 -21.13
C LYS B 376 -5.29 11.45 -19.85
N ARG B 377 -5.25 10.32 -19.15
CA ARG B 377 -5.94 10.24 -17.86
C ARG B 377 -5.39 11.26 -16.87
N THR B 378 -4.06 11.33 -16.77
CA THR B 378 -3.44 12.32 -15.90
C THR B 378 -3.78 13.74 -16.34
N LEU B 379 -3.84 13.97 -17.66
CA LEU B 379 -4.16 15.29 -18.17
C LEU B 379 -5.61 15.67 -17.89
N GLU B 380 -6.52 14.71 -17.88
CA GLU B 380 -7.90 15.02 -17.50
C GLU B 380 -7.99 15.33 -16.01
N ARG B 381 -7.32 14.51 -15.18
CA ARG B 381 -7.28 14.80 -13.74
C ARG B 381 -6.66 16.16 -13.47
N ALA B 382 -5.76 16.62 -14.34
CA ALA B 382 -5.15 17.94 -14.16
C ALA B 382 -6.04 19.05 -14.72
N TYR B 383 -6.70 18.82 -15.85
CA TYR B 383 -7.61 19.80 -16.43
C TYR B 383 -8.83 20.01 -15.55
N GLN B 384 -9.15 19.08 -14.66
CA GLN B 384 -10.13 19.37 -13.62
C GLN B 384 -9.72 20.60 -12.80
N MET B 385 -8.43 20.91 -12.78
CA MET B 385 -7.88 22.14 -12.21
C MET B 385 -6.94 22.78 -13.24
N GLY B 386 -7.50 23.14 -14.38
CA GLY B 386 -6.69 23.38 -15.58
C GLY B 386 -5.76 24.56 -15.44
N TRP B 387 -4.81 24.62 -16.36
CA TRP B 387 -3.83 25.70 -16.46
C TRP B 387 -3.27 25.69 -17.88
N THR B 388 -2.21 26.48 -18.10
CA THR B 388 -1.53 26.51 -19.40
C THR B 388 -0.12 27.08 -19.25
N ARG C 4 34.01 21.03 -22.75
CA ARG C 4 32.93 21.14 -23.72
C ARG C 4 31.64 20.54 -23.17
N THR C 5 30.62 20.47 -24.02
CA THR C 5 29.29 20.00 -23.60
C THR C 5 28.64 19.26 -24.75
N PHE C 6 28.06 18.10 -24.45
CA PHE C 6 27.34 17.29 -25.43
C PHE C 6 25.84 17.30 -25.13
N SER C 7 25.05 17.03 -26.16
CA SER C 7 23.60 17.04 -26.03
C SER C 7 22.99 16.09 -27.04
N TYR C 8 21.75 15.70 -26.78
CA TYR C 8 21.02 14.77 -27.64
C TYR C 8 19.53 15.02 -27.52
N THR C 9 18.87 15.25 -28.65
CA THR C 9 17.45 15.56 -28.69
C THR C 9 16.73 14.53 -29.55
N LEU C 10 15.51 14.18 -29.16
CA LEU C 10 14.71 13.16 -29.83
C LEU C 10 13.30 13.68 -30.09
N GLU C 11 12.74 13.31 -31.24
CA GLU C 11 11.39 13.67 -31.62
C GLU C 11 10.60 12.41 -31.94
N ASP C 12 9.44 12.26 -31.29
CA ASP C 12 8.60 11.09 -31.51
C ASP C 12 7.12 11.45 -31.45
N HIS C 13 6.28 10.51 -31.00
CA HIS C 13 4.84 10.73 -31.00
C HIS C 13 4.35 11.52 -29.79
N THR C 14 5.11 11.52 -28.69
CA THR C 14 4.73 12.25 -27.48
C THR C 14 5.19 13.70 -27.50
N LYS C 15 5.19 14.34 -28.68
CA LYS C 15 5.67 15.73 -28.75
C LYS C 15 4.75 16.68 -28.00
N GLN C 16 3.47 16.34 -27.86
CA GLN C 16 2.52 17.16 -27.12
C GLN C 16 2.35 16.71 -25.68
N ALA C 17 2.28 15.40 -25.45
CA ALA C 17 2.06 14.90 -24.10
C ALA C 17 3.27 15.13 -23.21
N ALA C 18 4.48 14.92 -23.73
CA ALA C 18 5.67 15.06 -22.91
C ALA C 18 5.84 16.49 -22.41
N GLY C 19 5.54 17.48 -23.25
CA GLY C 19 5.71 18.87 -22.85
C GLY C 19 4.75 19.27 -21.74
N ILE C 20 3.47 18.91 -21.89
CA ILE C 20 2.50 19.27 -20.86
C ILE C 20 2.74 18.47 -19.58
N MET C 21 3.21 17.23 -19.71
CA MET C 21 3.58 16.47 -18.52
C MET C 21 4.78 17.09 -17.82
N ASN C 22 5.72 17.65 -18.59
CA ASN C 22 6.85 18.34 -17.98
C ASN C 22 6.41 19.61 -17.26
N GLU C 23 5.47 20.35 -17.86
CA GLU C 23 4.92 21.52 -17.18
C GLU C 23 4.20 21.12 -15.90
N LEU C 24 3.46 20.00 -15.94
CA LEU C 24 2.80 19.49 -14.74
C LEU C 24 3.81 19.12 -13.67
N ARG C 25 4.93 18.51 -14.07
CA ARG C 25 5.99 18.18 -13.12
C ARG C 25 6.58 19.44 -12.50
N LEU C 26 6.86 20.45 -13.33
CA LEU C 26 7.36 21.71 -12.82
C LEU C 26 6.35 22.42 -11.91
N SER C 27 5.07 22.12 -12.07
CA SER C 27 4.05 22.69 -11.19
C SER C 27 3.93 21.95 -9.86
N GLN C 28 4.61 20.81 -9.70
CA GLN C 28 4.58 20.01 -8.47
C GLN C 28 3.17 19.56 -8.12
N GLN C 29 2.32 19.37 -9.12
CA GLN C 29 0.92 19.02 -8.89
C GLN C 29 0.73 17.51 -8.74
N LEU C 30 0.04 16.90 -9.71
CA LEU C 30 -0.26 15.47 -9.66
C LEU C 30 1.04 14.68 -9.78
N CYS C 31 1.44 14.02 -8.70
CA CYS C 31 2.61 13.16 -8.69
C CYS C 31 2.34 11.95 -7.81
N ASP C 32 2.87 10.79 -8.22
CA ASP C 32 2.68 9.56 -7.49
C ASP C 32 3.97 8.77 -7.32
N VAL C 33 5.11 9.32 -7.73
CA VAL C 33 6.41 8.66 -7.58
C VAL C 33 7.38 9.64 -6.95
N THR C 34 8.06 9.19 -5.90
CA THR C 34 9.09 9.98 -5.22
C THR C 34 10.38 9.18 -5.21
N LEU C 35 11.41 9.73 -5.85
CA LEU C 35 12.71 9.08 -5.96
C LEU C 35 13.69 9.74 -4.99
N GLN C 36 14.23 8.94 -4.07
CA GLN C 36 15.27 9.41 -3.14
C GLN C 36 16.61 8.85 -3.63
N VAL C 37 17.33 9.65 -4.39
CA VAL C 37 18.61 9.25 -4.94
C VAL C 37 19.70 9.51 -3.91
N LYS C 38 20.57 8.51 -3.72
CA LYS C 38 21.69 8.60 -2.80
C LYS C 38 22.93 8.02 -3.48
N TYR C 39 24.07 8.67 -3.30
CA TYR C 39 25.30 8.26 -3.96
C TYR C 39 26.48 8.69 -3.11
N GLN C 40 27.17 7.71 -2.52
CA GLN C 40 28.33 7.96 -1.68
C GLN C 40 28.02 8.96 -0.57
N ASP C 41 28.56 10.18 -0.69
CA ASP C 41 28.35 11.22 0.30
C ASP C 41 27.44 12.33 -0.21
N ALA C 42 26.80 12.14 -1.36
CA ALA C 42 25.85 13.12 -1.85
C ALA C 42 24.60 13.14 -0.99
N PRO C 43 23.89 14.26 -0.94
CA PRO C 43 22.65 14.31 -0.14
C PRO C 43 21.57 13.43 -0.73
N ALA C 44 20.65 13.00 0.14
CA ALA C 44 19.52 12.17 -0.27
C ALA C 44 18.57 13.05 -1.08
N ALA C 45 18.90 13.24 -2.36
CA ALA C 45 18.12 14.11 -3.22
C ALA C 45 16.74 13.52 -3.45
N GLN C 46 15.72 14.38 -3.40
CA GLN C 46 14.33 13.95 -3.50
C GLN C 46 13.69 14.57 -4.73
N PHE C 47 13.30 13.73 -5.67
CA PHE C 47 12.61 14.15 -6.88
C PHE C 47 11.18 13.61 -6.87
N MET C 48 10.27 14.35 -7.48
CA MET C 48 8.88 13.93 -7.62
C MET C 48 8.53 13.85 -9.10
N ALA C 49 7.84 12.78 -9.48
CA ALA C 49 7.54 12.55 -10.88
C ALA C 49 6.35 11.59 -11.00
N HIS C 50 5.82 11.51 -12.22
CA HIS C 50 4.73 10.61 -12.54
C HIS C 50 5.26 9.24 -12.92
N LYS C 51 4.50 8.20 -12.57
CA LYS C 51 4.90 6.85 -12.96
C LYS C 51 4.83 6.66 -14.47
N VAL C 52 3.91 7.36 -15.14
CA VAL C 52 3.68 7.15 -16.56
C VAL C 52 4.88 7.61 -17.37
N VAL C 53 5.40 8.81 -17.08
CA VAL C 53 6.51 9.35 -17.85
C VAL C 53 7.77 8.52 -17.63
N LEU C 54 7.99 8.07 -16.39
CA LEU C 54 9.17 7.26 -16.11
C LEU C 54 9.07 5.89 -16.76
N ALA C 55 7.86 5.32 -16.81
CA ALA C 55 7.70 4.00 -17.41
C ALA C 55 7.70 4.05 -18.93
N SER C 56 7.34 5.19 -19.53
CA SER C 56 7.28 5.29 -20.98
C SER C 56 8.66 5.35 -21.62
N SER C 57 9.71 5.64 -20.85
CA SER C 57 11.05 5.77 -21.39
C SER C 57 12.02 4.71 -20.90
N SER C 58 11.66 3.93 -19.87
CA SER C 58 12.54 2.92 -19.31
C SER C 58 11.73 1.70 -18.90
N PRO C 59 12.12 0.50 -19.33
CA PRO C 59 11.39 -0.70 -18.89
C PRO C 59 11.64 -1.06 -17.44
N VAL C 60 12.79 -0.67 -16.88
CA VAL C 60 13.08 -0.98 -15.48
C VAL C 60 12.14 -0.20 -14.57
N PHE C 61 11.87 1.06 -14.89
CA PHE C 61 10.90 1.83 -14.10
C PHE C 61 9.52 1.21 -14.19
N LYS C 62 9.13 0.76 -15.38
CA LYS C 62 7.83 0.10 -15.54
C LYS C 62 7.75 -1.16 -14.68
N ALA C 63 8.82 -1.95 -14.67
CA ALA C 63 8.84 -3.17 -13.86
C ALA C 63 8.78 -2.84 -12.37
N MET C 64 9.46 -1.77 -11.95
CA MET C 64 9.43 -1.38 -10.54
C MET C 64 8.09 -0.77 -10.14
N PHE C 65 7.33 -0.24 -11.10
CA PHE C 65 6.04 0.36 -10.79
C PHE C 65 4.88 -0.64 -10.83
N THR C 66 5.11 -1.85 -11.32
CA THR C 66 4.09 -2.89 -11.33
C THR C 66 4.23 -3.78 -10.09
N ASN C 67 4.06 -3.15 -8.93
CA ASN C 67 4.16 -3.85 -7.65
C ASN C 67 2.88 -4.59 -7.28
N GLY C 68 1.80 -4.39 -8.03
CA GLY C 68 0.56 -5.11 -7.82
C GLY C 68 -0.48 -4.39 -7.00
N LEU C 69 -0.08 -3.38 -6.22
CA LEU C 69 -1.02 -2.68 -5.35
C LEU C 69 -0.52 -1.25 -5.17
N ARG C 70 -1.27 -0.29 -5.71
CA ARG C 70 -0.94 1.13 -5.61
C ARG C 70 -2.16 1.89 -5.09
N GLU C 71 -2.63 1.49 -3.91
CA GLU C 71 -3.80 2.12 -3.31
C GLU C 71 -3.47 3.51 -2.77
N GLN C 72 -2.32 3.64 -2.11
CA GLN C 72 -1.95 4.88 -1.44
C GLN C 72 -1.38 5.93 -2.38
N GLY C 73 -1.43 5.71 -3.69
CA GLY C 73 -1.01 6.71 -4.65
C GLY C 73 0.47 7.00 -4.64
N MET C 74 0.90 7.92 -3.75
CA MET C 74 2.29 8.31 -3.70
C MET C 74 3.16 7.17 -3.20
N GLU C 75 4.23 6.86 -3.95
CA GLU C 75 5.15 5.80 -3.61
C GLU C 75 6.57 6.36 -3.60
N VAL C 76 7.37 5.91 -2.63
CA VAL C 76 8.74 6.36 -2.48
C VAL C 76 9.67 5.24 -2.91
N VAL C 77 10.55 5.53 -3.86
CA VAL C 77 11.46 4.54 -4.43
C VAL C 77 12.88 5.04 -4.19
N SER C 78 13.59 4.43 -3.25
CA SER C 78 14.96 4.79 -2.97
C SER C 78 15.89 4.21 -4.03
N ILE C 79 16.76 5.06 -4.59
CA ILE C 79 17.67 4.67 -5.66
C ILE C 79 19.09 4.88 -5.18
N GLU C 80 19.95 3.90 -5.45
CA GLU C 80 21.37 3.94 -5.07
C GLU C 80 22.24 3.78 -6.30
N GLY C 81 23.55 3.95 -6.09
CA GLY C 81 24.53 3.70 -7.13
C GLY C 81 24.58 4.70 -8.26
N ILE C 82 23.77 5.76 -8.23
CA ILE C 82 23.75 6.77 -9.27
C ILE C 82 23.74 8.14 -8.62
N HIS C 83 24.46 9.08 -9.22
CA HIS C 83 24.53 10.43 -8.66
C HIS C 83 23.22 11.16 -8.92
N PRO C 84 22.76 11.99 -7.98
CA PRO C 84 21.48 12.70 -8.18
C PRO C 84 21.44 13.56 -9.44
N LYS C 85 22.58 14.14 -9.86
CA LYS C 85 22.58 14.93 -11.07
C LYS C 85 22.33 14.06 -12.30
N VAL C 86 22.92 12.86 -12.32
CA VAL C 86 22.69 11.94 -13.43
C VAL C 86 21.23 11.53 -13.50
N MET C 87 20.63 11.21 -12.34
CA MET C 87 19.22 10.85 -12.32
C MET C 87 18.35 12.02 -12.74
N GLU C 88 18.73 13.24 -12.36
CA GLU C 88 17.97 14.41 -12.78
C GLU C 88 18.01 14.59 -14.29
N ARG C 89 19.20 14.40 -14.88
CA ARG C 89 19.31 14.50 -16.33
C ARG C 89 18.51 13.40 -17.02
N LEU C 90 18.50 12.20 -16.43
CA LEU C 90 17.69 11.11 -17.00
C LEU C 90 16.21 11.43 -16.96
N ILE C 91 15.73 11.98 -15.83
CA ILE C 91 14.33 12.37 -15.73
C ILE C 91 14.02 13.50 -16.71
N GLU C 92 14.96 14.43 -16.89
CA GLU C 92 14.74 15.51 -17.85
C GLU C 92 14.64 14.97 -19.27
N PHE C 93 15.43 13.96 -19.60
CA PHE C 93 15.27 13.31 -20.91
C PHE C 93 13.93 12.59 -21.00
N ALA C 94 13.53 11.91 -19.93
CA ALA C 94 12.27 11.18 -19.95
C ALA C 94 11.08 12.11 -20.15
N TYR C 95 11.16 13.33 -19.63
CA TYR C 95 10.06 14.27 -19.73
C TYR C 95 10.11 15.15 -20.98
N THR C 96 11.31 15.47 -21.47
CA THR C 96 11.46 16.42 -22.56
C THR C 96 12.07 15.83 -23.83
N ALA C 97 12.44 14.55 -23.82
CA ALA C 97 13.08 13.90 -24.96
C ALA C 97 14.36 14.63 -25.40
N SER C 98 15.06 15.21 -24.43
CA SER C 98 16.31 15.91 -24.71
C SER C 98 17.17 15.89 -23.46
N ILE C 99 18.46 15.64 -23.63
CA ILE C 99 19.41 15.55 -22.53
C ILE C 99 20.67 16.32 -22.90
N SER C 100 21.37 16.82 -21.88
CA SER C 100 22.62 17.54 -22.05
C SER C 100 23.55 17.19 -20.90
N MET C 101 24.85 17.19 -21.17
CA MET C 101 25.83 16.75 -20.19
C MET C 101 27.18 17.38 -20.49
N GLY C 102 28.03 17.41 -19.47
CA GLY C 102 29.39 17.84 -19.67
C GLY C 102 30.27 16.74 -20.26
N GLU C 103 31.39 17.15 -20.85
CA GLU C 103 32.27 16.20 -21.51
C GLU C 103 32.93 15.24 -20.53
N LYS C 104 32.84 15.48 -19.23
CA LYS C 104 33.37 14.58 -18.22
C LYS C 104 32.30 13.79 -17.48
N CYS C 105 31.03 14.08 -17.72
CA CYS C 105 29.92 13.36 -17.09
C CYS C 105 29.20 12.43 -18.06
N VAL C 106 29.77 12.19 -19.23
CA VAL C 106 29.12 11.30 -20.20
C VAL C 106 29.10 9.87 -19.68
N LEU C 107 30.16 9.45 -18.99
CA LEU C 107 30.24 8.06 -18.53
C LEU C 107 29.18 7.75 -17.49
N HIS C 108 28.92 8.69 -16.56
CA HIS C 108 27.91 8.46 -15.54
C HIS C 108 26.52 8.42 -16.14
N VAL C 109 26.25 9.31 -17.11
CA VAL C 109 24.96 9.29 -17.79
C VAL C 109 24.77 7.97 -18.52
N MET C 110 25.82 7.50 -19.19
CA MET C 110 25.71 6.22 -19.89
C MET C 110 25.49 5.07 -18.91
N ASN C 111 26.16 5.10 -17.76
CA ASN C 111 25.96 4.06 -16.76
C ASN C 111 24.52 4.05 -16.27
N GLY C 112 23.98 5.22 -15.94
CA GLY C 112 22.58 5.27 -15.52
C GLY C 112 21.62 4.79 -16.60
N ALA C 113 21.86 5.20 -17.84
CA ALA C 113 20.99 4.80 -18.93
C ALA C 113 21.03 3.30 -19.18
N VAL C 114 22.23 2.70 -19.11
CA VAL C 114 22.34 1.25 -19.25
C VAL C 114 21.65 0.56 -18.08
N MET C 115 21.77 1.13 -16.88
CA MET C 115 21.09 0.56 -15.73
C MET C 115 19.58 0.61 -15.88
N TYR C 116 19.06 1.59 -16.61
CA TYR C 116 17.62 1.71 -16.83
C TYR C 116 17.20 1.45 -18.28
N GLN C 117 18.12 0.95 -19.11
CA GLN C 117 17.81 0.47 -20.46
C GLN C 117 17.08 1.53 -21.29
N ILE C 118 17.72 2.68 -21.44
CA ILE C 118 17.23 3.75 -22.29
C ILE C 118 18.13 3.77 -23.53
N ASP C 119 17.67 3.10 -24.60
CA ASP C 119 18.56 2.78 -25.71
C ASP C 119 19.05 4.01 -26.44
N SER C 120 18.19 5.02 -26.59
CA SER C 120 18.54 6.21 -27.36
C SER C 120 19.75 6.92 -26.76
N VAL C 121 19.64 7.29 -25.48
CA VAL C 121 20.75 8.01 -24.83
C VAL C 121 21.94 7.09 -24.61
N VAL C 122 21.72 5.78 -24.52
CA VAL C 122 22.85 4.84 -24.47
C VAL C 122 23.68 4.95 -25.75
N ARG C 123 23.02 4.90 -26.90
CA ARG C 123 23.72 5.04 -28.17
C ARG C 123 24.36 6.41 -28.30
N ALA C 124 23.67 7.45 -27.83
CA ALA C 124 24.22 8.81 -27.88
C ALA C 124 25.51 8.91 -27.06
N CYS C 125 25.49 8.39 -25.83
CA CYS C 125 26.67 8.42 -24.99
C CYS C 125 27.78 7.55 -25.55
N ALA C 126 27.44 6.43 -26.21
CA ALA C 126 28.45 5.62 -26.87
C ALA C 126 29.15 6.41 -27.97
N ASP C 127 28.37 7.09 -28.81
CA ASP C 127 28.95 7.92 -29.86
C ASP C 127 29.81 9.04 -29.26
N PHE C 128 29.35 9.63 -28.14
CA PHE C 128 30.11 10.70 -27.52
C PHE C 128 31.44 10.20 -26.96
N LEU C 129 31.42 9.04 -26.29
CA LEU C 129 32.67 8.47 -25.77
C LEU C 129 33.61 8.06 -26.89
N VAL C 130 33.06 7.67 -28.05
CA VAL C 130 33.92 7.36 -29.19
C VAL C 130 34.54 8.65 -29.74
N GLN C 131 33.77 9.74 -29.77
CA GLN C 131 34.25 10.99 -30.34
C GLN C 131 35.28 11.69 -29.45
N GLN C 132 35.44 11.27 -28.20
CA GLN C 132 36.43 11.85 -27.29
C GLN C 132 37.80 11.22 -27.44
N LEU C 133 38.13 10.67 -28.61
CA LEU C 133 39.40 10.00 -28.82
C LEU C 133 40.15 10.62 -30.00
#